data_7S8U
#
_entry.id   7S8U
#
_cell.length_a   1.00
_cell.length_b   1.00
_cell.length_c   1.00
_cell.angle_alpha   90.00
_cell.angle_beta   90.00
_cell.angle_gamma   90.00
#
_symmetry.space_group_name_H-M   'P 1'
#
_entity_poly.entity_id   1
_entity_poly.type   'polypeptide(L)'
_entity_poly.pdbx_seq_one_letter_code
;MGMSRSQSCFGYPLSIFFIVVNEFCERFSYYGMRALLILYFTLFIGWDDNLSTAIYHTFVALCYLTPILGALIADSWLGK
FKTIVSLSIVYTIGQVVLAVSSINDLTDGNRDGTPDSLPVHVALSMIGLALIAFGTGGIKPCVSAFGGDQFEEGQEKQRN
RFFSIFYLAINAGSLLSTIITPILRVQQCGIHSKQACYPLAFGVPAALMAVSLIVFVIGSRMYKKFQPQGNIMAKVAKCI
GFAITNRIRHRSNKFPKREHWLDWAKEKYDERLISQIKMVTRVMFLYIPLPMFWALFDQQGSRWTLQATTMNGQIGVIEI
QPDQMQTVNAILIVIMVPIMDAVVYPLIAKCGLNFTSLKKMTVGMFLASMAFVAAAIVQVEIDKTLPVFPNGHEVQVKVL
NIGNNSMNISFPGETMAVNQMSQTGDFMTFDVDKLSINISSTGSPVTPVTHNFEQGHRHTILVWAPNHYRVIKDGLDRKP
EKGQNGIRFVNAFDKSFDVTMDGTVYVNVTSHSASEYQFFPSGKKSFTINSTEISQQCERNFTSPRLGFGSAYTYVMGRK
ADGCPELSVFGDIPPNTVNMALQIPQYFLLTCGEVVFSVTGLEFSYSQAPSNMKSVLQAGWLLTVAVGNIIVLIVAGAGQ
FSKQWAEYILFAALLLVVCVIFGIMAQFYTYVNPAEVEAKFDDDEKKKNPEKENPYYTLDSVSQTRM
;
_entity_poly.pdbx_strand_id   A
#
# COMPACT_ATOMS: atom_id res chain seq x y z
N PHE A 10 -12.72 -38.48 -15.49
CA PHE A 10 -13.30 -37.21 -15.88
C PHE A 10 -13.48 -37.14 -17.39
N GLY A 11 -14.46 -36.36 -17.84
CA GLY A 11 -14.71 -36.25 -19.27
C GLY A 11 -13.68 -35.40 -19.98
N TYR A 12 -13.58 -35.62 -21.29
CA TYR A 12 -12.59 -34.89 -22.10
C TYR A 12 -12.80 -33.38 -22.05
N PRO A 13 -14.03 -32.83 -22.15
CA PRO A 13 -14.19 -31.37 -21.99
C PRO A 13 -13.64 -30.88 -20.66
N LEU A 14 -12.59 -30.05 -20.72
CA LEU A 14 -11.88 -29.58 -19.55
C LEU A 14 -12.00 -28.07 -19.36
N SER A 15 -13.01 -27.51 -20.04
CA SER A 15 -13.27 -26.05 -19.96
C SER A 15 -13.25 -25.61 -18.50
N ILE A 16 -13.73 -26.43 -17.58
CA ILE A 16 -13.80 -25.98 -16.16
C ILE A 16 -12.39 -25.64 -15.69
N PHE A 17 -11.47 -26.62 -15.75
CA PHE A 17 -10.07 -26.38 -15.34
C PHE A 17 -9.57 -25.13 -16.08
N PHE A 18 -9.80 -25.06 -17.39
CA PHE A 18 -9.24 -23.93 -18.17
C PHE A 18 -9.69 -22.58 -17.61
N ILE A 19 -11.00 -22.37 -17.48
CA ILE A 19 -11.50 -21.03 -17.06
C ILE A 19 -11.08 -20.77 -15.60
N VAL A 20 -11.02 -21.82 -14.78
CA VAL A 20 -10.69 -21.53 -13.35
C VAL A 20 -9.21 -21.11 -13.30
N VAL A 21 -8.38 -21.71 -14.15
CA VAL A 21 -6.94 -21.33 -14.23
C VAL A 21 -6.87 -19.89 -14.74
N ASN A 22 -7.68 -19.57 -15.73
CA ASN A 22 -7.72 -18.17 -16.23
C ASN A 22 -7.96 -17.27 -15.03
N GLU A 23 -9.02 -17.55 -14.25
CA GLU A 23 -9.38 -16.66 -13.12
C GLU A 23 -8.19 -16.55 -12.16
N PHE A 24 -7.62 -17.71 -11.78
CA PHE A 24 -6.47 -17.71 -10.85
C PHE A 24 -5.42 -16.73 -11.36
N CYS A 25 -4.94 -16.94 -12.58
CA CYS A 25 -3.84 -16.10 -13.10
C CYS A 25 -4.26 -14.63 -13.06
N GLU A 26 -5.43 -14.29 -13.61
CA GLU A 26 -5.80 -12.87 -13.65
C GLU A 26 -5.72 -12.27 -12.25
N ARG A 27 -6.40 -12.89 -11.28
CA ARG A 27 -6.45 -12.27 -9.93
C ARG A 27 -5.03 -12.18 -9.35
N PHE A 28 -4.25 -13.25 -9.49
CA PHE A 28 -2.85 -13.26 -8.99
C PHE A 28 -2.16 -12.01 -9.52
N SER A 29 -2.10 -11.89 -10.84
CA SER A 29 -1.38 -10.74 -11.43
C SER A 29 -1.92 -9.44 -10.85
N TYR A 30 -3.25 -9.23 -10.87
CA TYR A 30 -3.78 -7.92 -10.42
C TYR A 30 -3.31 -7.60 -9.00
N TYR A 31 -3.50 -8.53 -8.07
CA TYR A 31 -3.18 -8.17 -6.66
C TYR A 31 -1.66 -7.98 -6.48
N GLY A 32 -0.86 -8.80 -7.16
CA GLY A 32 0.59 -8.59 -7.08
C GLY A 32 0.92 -7.19 -7.55
N MET A 33 0.42 -6.84 -8.73
CA MET A 33 0.61 -5.48 -9.27
C MET A 33 0.28 -4.50 -8.17
N ARG A 34 -0.94 -4.50 -7.63
CA ARG A 34 -1.35 -3.51 -6.59
C ARG A 34 -0.31 -3.40 -5.47
N ALA A 35 0.00 -4.53 -4.81
CA ALA A 35 0.93 -4.46 -3.64
C ALA A 35 2.27 -3.84 -4.06
N LEU A 36 2.86 -4.40 -5.11
CA LEU A 36 4.22 -3.90 -5.46
C LEU A 36 4.11 -2.44 -5.86
N LEU A 37 3.07 -2.03 -6.56
CA LEU A 37 2.84 -0.64 -6.99
C LEU A 37 2.98 0.23 -5.77
N ILE A 38 2.17 -0.04 -4.75
CA ILE A 38 2.31 0.91 -3.61
C ILE A 38 3.73 0.84 -3.05
N LEU A 39 4.25 -0.37 -2.73
CA LEU A 39 5.58 -0.38 -2.03
C LEU A 39 6.74 0.17 -2.89
N TYR A 40 6.53 0.37 -4.19
CA TYR A 40 7.63 0.80 -5.09
C TYR A 40 7.48 2.29 -5.35
N PHE A 41 6.24 2.74 -5.50
CA PHE A 41 6.05 4.20 -5.61
C PHE A 41 6.49 4.77 -4.26
N THR A 42 6.25 4.01 -3.17
CA THR A 42 6.79 4.55 -1.91
C THR A 42 8.30 4.56 -1.88
N LEU A 43 8.95 3.50 -2.39
CA LEU A 43 10.38 3.33 -2.18
C LEU A 43 11.25 3.81 -3.33
N PHE A 44 11.03 3.34 -4.56
CA PHE A 44 12.01 3.55 -5.62
C PHE A 44 12.01 5.01 -6.08
N ILE A 45 10.88 5.48 -6.64
CA ILE A 45 10.84 6.84 -7.14
C ILE A 45 10.67 7.82 -5.99
N GLY A 46 9.61 7.66 -5.21
CA GLY A 46 9.43 8.43 -4.00
C GLY A 46 9.30 9.93 -4.19
N TRP A 47 8.42 10.36 -5.10
CA TRP A 47 8.07 11.79 -5.16
C TRP A 47 7.64 12.28 -3.78
N ASP A 48 6.56 11.70 -3.26
CA ASP A 48 6.09 11.95 -1.90
C ASP A 48 5.08 10.87 -1.54
N ASP A 49 4.86 10.63 -0.25
CA ASP A 49 3.90 9.62 0.17
C ASP A 49 2.49 9.97 -0.30
N ASN A 50 2.12 11.24 -0.14
CA ASN A 50 0.81 11.69 -0.59
C ASN A 50 0.67 11.57 -2.11
N LEU A 51 1.72 11.96 -2.84
CA LEU A 51 1.69 11.80 -4.29
C LEU A 51 1.64 10.32 -4.68
N SER A 52 2.35 9.47 -3.94
CA SER A 52 2.35 8.05 -4.26
C SER A 52 0.95 7.45 -4.08
N THR A 53 0.30 7.73 -2.96
CA THR A 53 -1.04 7.21 -2.74
C THR A 53 -2.03 7.83 -3.72
N ALA A 54 -1.82 9.10 -4.09
CA ALA A 54 -2.66 9.74 -5.09
C ALA A 54 -2.58 9.02 -6.43
N ILE A 55 -1.35 8.70 -6.87
CA ILE A 55 -1.17 8.00 -8.13
C ILE A 55 -1.77 6.60 -8.06
N TYR A 56 -1.58 5.90 -6.94
CA TYR A 56 -2.17 4.58 -6.78
C TYR A 56 -3.68 4.63 -6.89
N HIS A 57 -4.29 5.64 -6.26
CA HIS A 57 -5.75 5.74 -6.28
C HIS A 57 -6.26 6.19 -7.65
N THR A 58 -5.49 6.99 -8.38
CA THR A 58 -5.84 7.28 -9.76
C THR A 58 -5.85 6.01 -10.59
N PHE A 59 -4.84 5.15 -10.39
CA PHE A 59 -4.79 3.88 -11.12
C PHE A 59 -6.01 3.03 -10.80
N VAL A 60 -6.35 2.92 -9.51
CA VAL A 60 -7.50 2.12 -9.12
C VAL A 60 -8.79 2.69 -9.70
N ALA A 61 -8.94 4.02 -9.66
CA ALA A 61 -10.14 4.65 -10.20
C ALA A 61 -10.27 4.41 -11.70
N LEU A 62 -9.16 4.53 -12.43
CA LEU A 62 -9.21 4.25 -13.86
C LEU A 62 -9.54 2.78 -14.13
N CYS A 63 -8.98 1.88 -13.32
CA CYS A 63 -9.25 0.46 -13.50
C CYS A 63 -10.72 0.15 -13.28
N TYR A 64 -11.34 0.79 -12.29
CA TYR A 64 -12.76 0.52 -12.03
C TYR A 64 -13.68 1.32 -12.94
N LEU A 65 -13.16 2.37 -13.59
CA LEU A 65 -13.95 3.09 -14.59
C LEU A 65 -13.90 2.41 -15.95
N THR A 66 -12.84 1.65 -16.23
CA THR A 66 -12.65 0.97 -17.51
C THR A 66 -13.78 0.00 -17.90
N PRO A 67 -14.29 -0.85 -16.99
CA PRO A 67 -15.19 -1.94 -17.45
C PRO A 67 -16.39 -1.47 -18.26
N ILE A 68 -16.99 -0.34 -17.92
CA ILE A 68 -18.13 0.15 -18.70
C ILE A 68 -17.68 0.51 -20.12
N LEU A 69 -16.52 1.16 -20.23
CA LEU A 69 -15.98 1.48 -21.55
C LEU A 69 -15.69 0.21 -22.35
N GLY A 70 -15.14 -0.80 -21.68
CA GLY A 70 -14.87 -2.06 -22.37
C GLY A 70 -16.15 -2.72 -22.86
N ALA A 71 -17.19 -2.71 -22.03
CA ALA A 71 -18.47 -3.27 -22.46
C ALA A 71 -19.05 -2.51 -23.65
N LEU A 72 -18.94 -1.17 -23.63
CA LEU A 72 -19.44 -0.38 -24.74
C LEU A 72 -18.65 -0.67 -26.02
N ILE A 73 -17.33 -0.80 -25.92
CA ILE A 73 -16.53 -1.10 -27.11
C ILE A 73 -16.86 -2.48 -27.64
N ALA A 74 -17.07 -3.46 -26.75
CA ALA A 74 -17.49 -4.78 -27.20
C ALA A 74 -18.84 -4.72 -27.88
N ASP A 75 -19.73 -3.86 -27.39
CA ASP A 75 -21.03 -3.68 -28.04
C ASP A 75 -20.92 -2.99 -29.38
N SER A 76 -19.92 -2.13 -29.57
CA SER A 76 -19.91 -1.25 -30.73
C SER A 76 -19.47 -1.99 -31.99
N TRP A 77 -18.21 -2.43 -32.05
CA TRP A 77 -17.67 -3.01 -33.27
C TRP A 77 -17.09 -4.39 -33.06
N LEU A 78 -16.40 -4.59 -31.94
CA LEU A 78 -15.69 -5.85 -31.72
C LEU A 78 -16.65 -6.93 -31.25
N GLY A 79 -16.12 -8.15 -31.12
CA GLY A 79 -16.88 -9.26 -30.57
C GLY A 79 -16.38 -9.56 -29.17
N LYS A 80 -17.18 -10.33 -28.43
CA LYS A 80 -16.85 -10.67 -27.05
C LYS A 80 -15.48 -11.32 -26.97
N PHE A 81 -15.25 -12.35 -27.80
CA PHE A 81 -13.96 -13.01 -27.83
C PHE A 81 -12.85 -12.05 -28.26
N LYS A 82 -13.10 -11.29 -29.33
CA LYS A 82 -12.09 -10.36 -29.82
C LYS A 82 -11.77 -9.30 -28.77
N THR A 83 -12.81 -8.77 -28.12
CA THR A 83 -12.61 -7.77 -27.09
C THR A 83 -11.78 -8.32 -25.94
N ILE A 84 -12.15 -9.50 -25.43
CA ILE A 84 -11.45 -10.03 -24.26
C ILE A 84 -10.00 -10.35 -24.61
N VAL A 85 -9.75 -10.93 -25.79
CA VAL A 85 -8.38 -11.30 -26.11
C VAL A 85 -7.53 -10.04 -26.35
N SER A 86 -8.08 -9.04 -27.04
CA SER A 86 -7.33 -7.82 -27.28
C SER A 86 -7.00 -7.11 -25.97
N LEU A 87 -7.98 -7.04 -25.06
CA LEU A 87 -7.72 -6.39 -23.78
C LEU A 87 -6.71 -7.17 -22.95
N SER A 88 -6.75 -8.50 -23.01
CA SER A 88 -5.74 -9.30 -22.33
C SER A 88 -4.36 -9.04 -22.90
N ILE A 89 -4.25 -8.92 -24.23
CA ILE A 89 -2.97 -8.62 -24.85
C ILE A 89 -2.46 -7.26 -24.40
N VAL A 90 -3.34 -6.26 -24.36
CA VAL A 90 -2.94 -4.92 -23.92
C VAL A 90 -2.47 -4.97 -22.47
N TYR A 91 -3.19 -5.71 -21.63
CA TYR A 91 -2.82 -5.83 -20.21
C TYR A 91 -1.45 -6.46 -20.05
N THR A 92 -1.19 -7.53 -20.80
CA THR A 92 0.11 -8.20 -20.74
C THR A 92 1.22 -7.26 -21.24
N ILE A 93 0.96 -6.55 -22.33
CA ILE A 93 1.96 -5.63 -22.87
C ILE A 93 2.27 -4.53 -21.85
N GLY A 94 1.23 -4.04 -21.17
CA GLY A 94 1.45 -3.03 -20.15
C GLY A 94 2.31 -3.53 -19.01
N GLN A 95 2.02 -4.74 -18.52
CA GLN A 95 2.84 -5.31 -17.46
C GLN A 95 4.28 -5.48 -17.92
N VAL A 96 4.49 -5.98 -19.13
CA VAL A 96 5.84 -6.20 -19.63
C VAL A 96 6.60 -4.89 -19.76
N VAL A 97 5.96 -3.86 -20.32
CA VAL A 97 6.64 -2.59 -20.53
C VAL A 97 6.96 -1.94 -19.18
N LEU A 98 6.06 -2.06 -18.20
CA LEU A 98 6.37 -1.52 -16.88
C LEU A 98 7.53 -2.27 -16.25
N ALA A 99 7.56 -3.60 -16.39
CA ALA A 99 8.65 -4.38 -15.83
C ALA A 99 9.98 -3.98 -16.46
N VAL A 100 9.98 -3.73 -17.77
CA VAL A 100 11.18 -3.22 -18.43
C VAL A 100 11.54 -1.84 -17.88
N SER A 101 10.53 -1.01 -17.60
CA SER A 101 10.80 0.30 -17.02
C SER A 101 11.43 0.19 -15.64
N SER A 102 11.04 -0.81 -14.86
CA SER A 102 11.58 -0.99 -13.52
C SER A 102 13.07 -1.28 -13.55
N ILE A 103 13.51 -2.07 -14.52
CA ILE A 103 14.94 -2.37 -14.67
C ILE A 103 15.57 -1.19 -15.42
N ASN A 104 16.75 -0.76 -14.96
CA ASN A 104 17.34 0.47 -15.44
C ASN A 104 18.31 0.28 -16.60
N ASP A 105 18.77 -0.94 -16.86
CA ASP A 105 19.80 -1.15 -17.86
C ASP A 105 19.18 -1.48 -19.22
N LEU A 106 19.72 -0.84 -20.26
CA LEU A 106 19.37 -1.18 -21.63
C LEU A 106 20.62 -1.11 -22.50
N THR A 107 21.28 -2.26 -22.68
CA THR A 107 22.57 -2.28 -23.36
C THR A 107 22.44 -1.84 -24.81
N ASP A 108 23.32 -0.93 -25.22
CA ASP A 108 23.30 -0.34 -26.55
C ASP A 108 24.71 -0.25 -27.10
N GLY A 109 24.86 -0.48 -28.40
CA GLY A 109 26.15 -0.28 -29.04
C GLY A 109 26.57 1.18 -29.02
N ASN A 110 25.63 2.08 -29.31
CA ASN A 110 25.91 3.50 -29.22
C ASN A 110 25.91 3.98 -27.77
N ARG A 111 26.77 4.96 -27.48
CA ARG A 111 26.87 5.52 -26.15
C ARG A 111 25.88 6.65 -25.89
N ASP A 112 25.14 7.08 -26.91
CA ASP A 112 24.21 8.20 -26.75
C ASP A 112 22.95 7.74 -26.03
N GLY A 113 22.61 8.42 -24.95
CA GLY A 113 21.40 8.13 -24.20
C GLY A 113 20.55 9.37 -23.99
N THR A 114 19.33 9.36 -24.54
CA THR A 114 18.43 10.51 -24.44
C THR A 114 17.26 10.17 -23.54
N PRO A 115 17.23 10.66 -22.30
CA PRO A 115 16.10 10.39 -21.41
C PRO A 115 14.81 11.11 -21.79
N ASP A 116 14.81 11.93 -22.84
CA ASP A 116 13.63 12.64 -23.31
C ASP A 116 13.04 13.53 -22.21
N SER A 117 13.84 14.52 -21.82
CA SER A 117 13.47 15.48 -20.79
C SER A 117 13.16 14.79 -19.47
N LEU A 118 11.88 14.58 -19.19
CA LEU A 118 11.49 13.83 -17.99
C LEU A 118 11.99 12.39 -18.10
N PRO A 119 12.34 11.75 -16.98
CA PRO A 119 12.96 10.42 -17.06
C PRO A 119 12.11 9.40 -17.80
N VAL A 120 12.77 8.54 -18.57
CA VAL A 120 12.09 7.49 -19.32
C VAL A 120 11.44 6.51 -18.35
N HIS A 121 12.08 6.30 -17.19
CA HIS A 121 11.59 5.38 -16.19
C HIS A 121 10.15 5.69 -15.80
N VAL A 122 9.93 6.92 -15.32
CA VAL A 122 8.61 7.29 -14.80
C VAL A 122 7.58 7.33 -15.92
N ALA A 123 7.98 7.83 -17.09
CA ALA A 123 7.03 7.92 -18.21
C ALA A 123 6.57 6.54 -18.65
N LEU A 124 7.50 5.61 -18.81
CA LEU A 124 7.14 4.25 -19.18
C LEU A 124 6.32 3.60 -18.07
N SER A 125 6.59 3.93 -16.81
CA SER A 125 5.79 3.38 -15.72
C SER A 125 4.34 3.85 -15.82
N MET A 126 4.12 5.14 -16.10
CA MET A 126 2.76 5.63 -16.27
C MET A 126 2.08 4.99 -17.47
N ILE A 127 2.80 4.85 -18.58
CA ILE A 127 2.20 4.20 -19.75
C ILE A 127 1.80 2.77 -19.41
N GLY A 128 2.67 2.03 -18.73
CA GLY A 128 2.36 0.65 -18.37
C GLY A 128 1.16 0.56 -17.44
N LEU A 129 1.10 1.44 -16.45
CA LEU A 129 -0.02 1.38 -15.51
C LEU A 129 -1.34 1.74 -16.19
N ALA A 130 -1.31 2.71 -17.10
CA ALA A 130 -2.51 3.03 -17.86
C ALA A 130 -2.96 1.83 -18.70
N LEU A 131 -2.00 1.19 -19.37
CA LEU A 131 -2.34 0.04 -20.20
C LEU A 131 -2.92 -1.11 -19.37
N ILE A 132 -2.31 -1.40 -18.22
CA ILE A 132 -2.81 -2.51 -17.41
C ILE A 132 -4.15 -2.16 -16.80
N ALA A 133 -4.38 -0.88 -16.48
CA ALA A 133 -5.70 -0.48 -16.00
C ALA A 133 -6.75 -0.75 -17.06
N PHE A 134 -6.47 -0.33 -18.30
CA PHE A 134 -7.37 -0.61 -19.42
C PHE A 134 -7.65 -2.09 -19.52
N GLY A 135 -6.59 -2.90 -19.56
CA GLY A 135 -6.72 -4.33 -19.72
C GLY A 135 -7.50 -5.02 -18.61
N THR A 136 -7.17 -4.71 -17.35
CA THR A 136 -7.84 -5.33 -16.23
C THR A 136 -9.32 -4.94 -16.18
N GLY A 137 -9.60 -3.65 -16.36
CA GLY A 137 -10.98 -3.21 -16.39
C GLY A 137 -11.77 -3.90 -17.48
N GLY A 138 -11.15 -4.10 -18.63
CA GLY A 138 -11.82 -4.83 -19.70
C GLY A 138 -12.05 -6.30 -19.41
N ILE A 139 -11.06 -6.97 -18.80
CA ILE A 139 -11.11 -8.43 -18.71
C ILE A 139 -11.91 -8.88 -17.51
N LYS A 140 -12.06 -8.02 -16.50
CA LYS A 140 -12.68 -8.45 -15.25
C LYS A 140 -14.12 -8.94 -15.42
N PRO A 141 -15.02 -8.19 -16.06
CA PRO A 141 -16.44 -8.59 -16.02
C PRO A 141 -16.79 -9.80 -16.87
N CYS A 142 -16.07 -10.00 -17.98
CA CYS A 142 -16.53 -10.91 -19.04
C CYS A 142 -16.62 -12.37 -18.59
N VAL A 143 -15.63 -12.84 -17.84
CA VAL A 143 -15.44 -14.27 -17.60
C VAL A 143 -16.60 -14.90 -16.84
N SER A 144 -17.02 -14.28 -15.74
CA SER A 144 -18.07 -14.86 -14.91
C SER A 144 -19.40 -14.90 -15.65
N ALA A 145 -19.74 -13.79 -16.32
CA ALA A 145 -20.99 -13.73 -17.06
C ALA A 145 -21.01 -14.75 -18.20
N PHE A 146 -19.88 -14.87 -18.90
CA PHE A 146 -19.83 -15.81 -20.03
C PHE A 146 -19.91 -17.25 -19.55
N GLY A 147 -19.23 -17.55 -18.43
CA GLY A 147 -19.32 -18.89 -17.87
C GLY A 147 -20.73 -19.23 -17.42
N GLY A 148 -21.42 -18.26 -16.82
CA GLY A 148 -22.81 -18.48 -16.44
C GLY A 148 -23.70 -18.70 -17.64
N ASP A 149 -23.51 -17.91 -18.69
CA ASP A 149 -24.34 -18.03 -19.88
C ASP A 149 -24.01 -19.27 -20.70
N GLN A 150 -22.85 -19.89 -20.44
CA GLN A 150 -22.45 -21.06 -21.23
C GLN A 150 -23.44 -22.21 -21.08
N PHE A 151 -23.74 -22.56 -19.82
CA PHE A 151 -24.55 -23.78 -19.56
C PHE A 151 -25.45 -23.61 -18.34
N GLU A 152 -26.03 -22.42 -18.13
CA GLU A 152 -26.86 -22.18 -16.92
C GLU A 152 -27.88 -23.31 -16.72
N GLU A 153 -28.33 -23.94 -17.81
CA GLU A 153 -29.33 -25.04 -17.74
C GLU A 153 -28.96 -26.05 -16.66
N GLY A 154 -27.70 -26.47 -16.59
CA GLY A 154 -27.26 -27.47 -15.60
C GLY A 154 -27.08 -26.88 -14.22
N GLN A 155 -28.10 -26.19 -13.70
CA GLN A 155 -28.04 -25.59 -12.34
C GLN A 155 -27.97 -26.69 -11.27
N GLU A 156 -28.48 -27.89 -11.57
CA GLU A 156 -28.54 -29.01 -10.59
C GLU A 156 -27.24 -29.12 -9.80
N LYS A 157 -26.13 -29.43 -10.49
CA LYS A 157 -24.82 -29.60 -9.80
C LYS A 157 -23.69 -29.14 -10.71
N GLN A 158 -23.90 -29.10 -12.04
CA GLN A 158 -22.75 -28.61 -12.85
C GLN A 158 -22.54 -27.15 -12.45
N ARG A 159 -23.60 -26.34 -12.49
CA ARG A 159 -23.52 -24.92 -12.05
C ARG A 159 -22.96 -24.85 -10.63
N ASN A 160 -23.41 -25.72 -9.73
CA ASN A 160 -22.95 -25.63 -8.31
C ASN A 160 -21.44 -25.85 -8.25
N ARG A 161 -20.96 -26.91 -8.90
CA ARG A 161 -19.51 -27.22 -8.91
C ARG A 161 -18.79 -26.01 -9.49
N PHE A 162 -19.35 -25.44 -10.56
CA PHE A 162 -18.76 -24.23 -11.19
C PHE A 162 -18.54 -23.18 -10.11
N PHE A 163 -19.62 -22.72 -9.48
CA PHE A 163 -19.49 -21.64 -8.48
C PHE A 163 -18.44 -22.03 -7.44
N SER A 164 -18.51 -23.24 -6.88
CA SER A 164 -17.57 -23.62 -5.79
C SER A 164 -16.11 -23.49 -6.24
N ILE A 165 -15.79 -24.13 -7.38
CA ILE A 165 -14.38 -24.12 -7.85
C ILE A 165 -13.97 -22.68 -8.14
N PHE A 166 -14.85 -21.89 -8.76
CA PHE A 166 -14.50 -20.48 -9.11
C PHE A 166 -14.20 -19.69 -7.84
N TYR A 167 -14.98 -19.89 -6.78
CA TYR A 167 -14.73 -19.20 -5.49
C TYR A 167 -13.37 -19.61 -4.94
N LEU A 168 -13.13 -20.92 -4.85
CA LEU A 168 -11.79 -21.35 -4.38
C LEU A 168 -10.75 -20.61 -5.21
N ALA A 169 -10.93 -20.57 -6.53
CA ALA A 169 -9.95 -19.96 -7.44
C ALA A 169 -9.71 -18.50 -7.09
N ILE A 170 -10.74 -17.67 -7.09
CA ILE A 170 -10.48 -16.22 -6.85
C ILE A 170 -9.80 -16.09 -5.48
N ASN A 171 -10.30 -16.82 -4.48
CA ASN A 171 -9.71 -16.61 -3.13
C ASN A 171 -8.21 -16.92 -3.15
N ALA A 172 -7.84 -18.06 -3.74
CA ALA A 172 -6.42 -18.46 -3.77
C ALA A 172 -5.61 -17.45 -4.58
N GLY A 173 -6.08 -17.08 -5.77
CA GLY A 173 -5.33 -16.17 -6.66
C GLY A 173 -4.91 -14.90 -5.96
N SER A 174 -5.70 -14.43 -5.00
CA SER A 174 -5.32 -13.22 -4.22
C SER A 174 -4.23 -13.57 -3.19
N LEU A 175 -4.48 -14.58 -2.35
CA LEU A 175 -3.50 -14.88 -1.24
C LEU A 175 -2.09 -15.14 -1.79
N LEU A 176 -1.99 -16.16 -2.63
CA LEU A 176 -0.65 -16.55 -3.11
C LEU A 176 -0.04 -15.31 -3.74
N SER A 177 -0.80 -14.59 -4.55
CA SER A 177 -0.33 -13.35 -5.20
C SER A 177 0.39 -12.50 -4.17
N THR A 178 -0.36 -11.92 -3.24
CA THR A 178 0.36 -10.99 -2.32
C THR A 178 1.60 -11.68 -1.73
N ILE A 179 1.43 -12.85 -1.09
CA ILE A 179 2.66 -13.36 -0.39
C ILE A 179 3.85 -13.45 -1.38
N ILE A 180 3.70 -14.19 -2.47
CA ILE A 180 4.83 -14.44 -3.41
C ILE A 180 5.39 -13.12 -3.95
N THR A 181 4.54 -12.19 -4.39
CA THR A 181 5.08 -10.89 -4.84
C THR A 181 5.93 -10.28 -3.73
N PRO A 182 5.42 -9.87 -2.55
CA PRO A 182 6.32 -9.42 -1.49
C PRO A 182 7.65 -10.21 -1.39
N ILE A 183 7.57 -11.55 -1.29
CA ILE A 183 8.82 -12.36 -1.12
C ILE A 183 9.79 -12.03 -2.26
N LEU A 184 9.37 -12.26 -3.51
CA LEU A 184 10.22 -11.98 -4.70
C LEU A 184 10.82 -10.58 -4.58
N ARG A 185 10.00 -9.58 -4.30
CA ARG A 185 10.53 -8.19 -4.27
C ARG A 185 11.91 -8.17 -3.62
N VAL A 186 12.06 -8.65 -2.39
CA VAL A 186 13.34 -8.50 -1.72
C VAL A 186 14.21 -9.73 -2.00
N GLN A 187 14.94 -9.68 -3.11
CA GLN A 187 15.90 -10.72 -3.47
C GLN A 187 17.01 -10.13 -4.33
N GLN A 188 18.23 -10.14 -3.82
CA GLN A 188 19.38 -9.78 -4.64
C GLN A 188 19.66 -10.90 -5.63
N CYS A 189 19.21 -10.72 -6.88
CA CYS A 189 19.26 -11.79 -7.86
C CYS A 189 20.69 -12.19 -8.19
N GLY A 190 20.87 -13.49 -8.45
CA GLY A 190 22.18 -14.02 -8.77
C GLY A 190 22.55 -13.91 -10.24
N ILE A 191 22.69 -12.67 -10.71
CA ILE A 191 23.05 -12.38 -12.10
C ILE A 191 24.09 -11.27 -12.10
N HIS A 192 24.37 -10.72 -13.28
CA HIS A 192 25.10 -9.46 -13.37
C HIS A 192 24.63 -8.50 -12.29
N SER A 193 25.55 -7.68 -11.77
CA SER A 193 25.30 -6.96 -10.53
C SER A 193 24.05 -6.08 -10.62
N LYS A 194 22.99 -6.50 -9.94
CA LYS A 194 21.74 -5.76 -9.78
C LYS A 194 21.26 -6.00 -8.35
N GLN A 195 21.41 -4.98 -7.50
CA GLN A 195 20.86 -5.04 -6.15
C GLN A 195 19.42 -4.55 -6.14
N ALA A 196 18.78 -4.48 -7.30
CA ALA A 196 17.40 -4.00 -7.41
C ALA A 196 16.42 -5.05 -6.91
N CYS A 197 15.13 -4.70 -6.86
CA CYS A 197 14.12 -5.58 -6.30
C CYS A 197 12.93 -5.78 -7.23
N TYR A 198 12.57 -4.72 -7.95
CA TYR A 198 11.29 -4.70 -8.66
C TYR A 198 11.26 -5.44 -9.99
N PRO A 199 12.34 -5.48 -10.82
CA PRO A 199 12.24 -6.16 -12.13
C PRO A 199 11.63 -7.55 -12.10
N LEU A 200 12.21 -8.47 -11.32
CA LEU A 200 11.71 -9.84 -11.31
C LEU A 200 10.29 -9.92 -10.73
N ALA A 201 10.02 -9.13 -9.70
CA ALA A 201 8.72 -9.17 -9.04
C ALA A 201 7.61 -8.70 -9.99
N PHE A 202 7.91 -7.71 -10.83
CA PHE A 202 6.95 -7.32 -11.87
C PHE A 202 6.93 -8.31 -13.02
N GLY A 203 8.05 -8.98 -13.28
CA GLY A 203 8.10 -9.93 -14.38
C GLY A 203 7.25 -11.17 -14.13
N VAL A 204 7.22 -11.64 -12.89
CA VAL A 204 6.52 -12.89 -12.56
C VAL A 204 5.06 -12.87 -12.98
N PRO A 205 4.26 -11.85 -12.64
CA PRO A 205 2.85 -11.87 -13.06
C PRO A 205 2.66 -11.84 -14.57
N ALA A 206 3.62 -11.29 -15.31
CA ALA A 206 3.50 -11.26 -16.77
C ALA A 206 3.47 -12.66 -17.37
N ALA A 207 4.26 -13.57 -16.80
CA ALA A 207 4.26 -14.95 -17.28
C ALA A 207 2.89 -15.60 -17.08
N LEU A 208 2.24 -15.32 -15.96
CA LEU A 208 0.92 -15.91 -15.72
C LEU A 208 -0.11 -15.38 -16.70
N MET A 209 -0.06 -14.09 -17.04
CA MET A 209 -0.95 -13.57 -18.07
C MET A 209 -0.64 -14.18 -19.43
N ALA A 210 0.63 -14.38 -19.75
CA ALA A 210 0.98 -15.04 -21.00
C ALA A 210 0.38 -16.44 -21.05
N VAL A 211 0.55 -17.22 -19.98
CA VAL A 211 0.00 -18.57 -19.95
C VAL A 211 -1.53 -18.55 -20.02
N SER A 212 -2.17 -17.65 -19.26
CA SER A 212 -3.62 -17.59 -19.24
C SER A 212 -4.16 -17.24 -20.62
N LEU A 213 -3.51 -16.33 -21.33
CA LEU A 213 -3.90 -16.05 -22.70
C LEU A 213 -3.70 -17.30 -23.58
N ILE A 214 -2.61 -18.03 -23.34
CA ILE A 214 -2.45 -19.33 -24.01
C ILE A 214 -3.55 -20.28 -23.57
N VAL A 215 -3.92 -20.26 -22.29
CA VAL A 215 -5.03 -21.08 -21.81
C VAL A 215 -6.34 -20.70 -22.50
N PHE A 216 -6.51 -19.41 -22.80
CA PHE A 216 -7.74 -18.93 -23.42
C PHE A 216 -7.54 -18.77 -24.93
N VAL A 217 -6.74 -19.67 -25.54
CA VAL A 217 -6.39 -19.52 -26.94
C VAL A 217 -7.62 -19.68 -27.84
N ILE A 218 -8.41 -20.72 -27.61
CA ILE A 218 -9.56 -21.03 -28.45
C ILE A 218 -10.71 -21.47 -27.53
N GLY A 219 -11.92 -21.49 -28.07
CA GLY A 219 -13.08 -21.88 -27.30
C GLY A 219 -13.42 -23.35 -27.41
N SER A 220 -12.46 -24.16 -27.87
CA SER A 220 -12.66 -25.59 -28.09
C SER A 220 -13.85 -25.85 -29.01
N ARG A 221 -14.00 -25.00 -30.02
CA ARG A 221 -15.04 -25.15 -31.05
C ARG A 221 -16.45 -25.08 -30.46
N MET A 222 -16.62 -24.43 -29.31
CA MET A 222 -17.96 -24.23 -28.76
C MET A 222 -17.92 -23.04 -27.80
N TYR A 223 -18.59 -21.97 -28.17
CA TYR A 223 -18.97 -20.82 -27.34
C TYR A 223 -20.28 -20.25 -27.89
N LYS A 224 -20.65 -19.06 -27.43
CA LYS A 224 -21.90 -18.42 -27.82
C LYS A 224 -21.65 -16.92 -27.85
N LYS A 225 -22.43 -16.18 -28.64
CA LYS A 225 -22.09 -14.80 -28.95
C LYS A 225 -23.11 -13.84 -28.36
N PHE A 226 -22.64 -12.79 -27.70
CA PHE A 226 -23.53 -11.82 -27.06
C PHE A 226 -23.08 -10.41 -27.43
N GLN A 227 -23.74 -9.84 -28.42
CA GLN A 227 -23.45 -8.46 -28.84
C GLN A 227 -24.12 -7.40 -27.97
N PRO A 228 -25.43 -7.46 -27.71
CA PRO A 228 -26.07 -6.34 -27.02
C PRO A 228 -25.86 -6.41 -25.52
N GLN A 229 -25.39 -5.30 -24.94
CA GLN A 229 -25.13 -5.20 -23.50
C GLN A 229 -25.53 -3.80 -23.04
N GLY A 230 -26.74 -3.68 -22.48
CA GLY A 230 -27.15 -2.49 -21.77
C GLY A 230 -27.84 -1.42 -22.59
N ASN A 231 -27.73 -1.47 -23.93
CA ASN A 231 -28.36 -0.48 -24.81
C ASN A 231 -27.96 0.93 -24.43
N ILE A 232 -26.66 1.26 -24.57
CA ILE A 232 -26.15 2.57 -24.20
C ILE A 232 -26.80 3.69 -25.00
N MET A 233 -27.24 3.39 -26.22
CA MET A 233 -27.86 4.41 -27.08
C MET A 233 -29.02 5.10 -26.36
N ALA A 234 -29.96 4.31 -25.84
CA ALA A 234 -31.05 4.88 -25.07
C ALA A 234 -30.57 5.52 -23.79
N LYS A 235 -29.55 4.95 -23.16
CA LYS A 235 -29.10 5.45 -21.86
C LYS A 235 -28.52 6.86 -21.97
N VAL A 236 -27.97 7.21 -23.14
CA VAL A 236 -27.52 8.60 -23.34
C VAL A 236 -28.61 9.45 -23.99
N ALA A 237 -29.43 8.82 -24.83
CA ALA A 237 -30.47 9.51 -25.56
C ALA A 237 -31.50 10.09 -24.61
N LYS A 238 -31.85 9.36 -23.56
CA LYS A 238 -32.81 9.86 -22.58
C LYS A 238 -32.34 11.19 -21.99
N CYS A 239 -31.10 11.21 -21.50
CA CYS A 239 -30.56 12.40 -20.87
C CYS A 239 -30.51 13.57 -21.86
N ILE A 240 -29.90 13.34 -23.03
CA ILE A 240 -29.76 14.43 -23.99
C ILE A 240 -31.14 14.95 -24.39
N GLY A 241 -32.08 14.03 -24.59
CA GLY A 241 -33.43 14.37 -24.97
C GLY A 241 -34.12 15.29 -23.98
N PHE A 242 -34.33 14.85 -22.73
CA PHE A 242 -35.13 15.71 -21.86
C PHE A 242 -34.36 16.97 -21.50
N ALA A 243 -33.03 16.86 -21.35
CA ALA A 243 -32.23 18.03 -21.02
C ALA A 243 -32.32 19.10 -22.10
N ILE A 244 -32.19 18.72 -23.37
CA ILE A 244 -32.27 19.67 -24.47
C ILE A 244 -33.68 20.24 -24.57
N THR A 245 -34.69 19.37 -24.50
CA THR A 245 -36.06 19.83 -24.68
C THR A 245 -36.46 20.83 -23.61
N ASN A 246 -36.12 20.57 -22.34
CA ASN A 246 -36.47 21.47 -21.26
C ASN A 246 -35.58 22.72 -21.27
N ARG A 247 -34.31 22.55 -21.62
CA ARG A 247 -33.31 23.61 -21.54
C ARG A 247 -33.60 24.80 -22.44
N ILE A 248 -33.98 24.52 -23.69
CA ILE A 248 -34.18 25.58 -24.67
C ILE A 248 -35.31 26.48 -24.21
N ARG A 249 -35.24 27.76 -24.59
CA ARG A 249 -36.25 28.73 -24.19
C ARG A 249 -37.61 28.32 -24.75
N HIS A 250 -38.48 27.84 -23.86
CA HIS A 250 -39.76 27.27 -24.27
C HIS A 250 -40.74 27.44 -23.12
N ARG A 251 -42.03 27.37 -23.45
CA ARG A 251 -43.07 27.56 -22.43
C ARG A 251 -42.99 26.46 -21.37
N SER A 252 -42.75 25.22 -21.78
CA SER A 252 -42.73 24.07 -20.88
C SER A 252 -44.01 24.01 -20.04
N ASN A 253 -45.14 24.27 -20.69
CA ASN A 253 -46.41 24.35 -19.98
C ASN A 253 -46.86 23.01 -19.41
N LYS A 254 -46.36 21.91 -19.94
CA LYS A 254 -46.72 20.58 -19.46
C LYS A 254 -45.92 20.24 -18.20
N PHE A 255 -45.94 18.97 -17.82
CA PHE A 255 -45.27 18.53 -16.61
C PHE A 255 -43.77 18.83 -16.71
N PRO A 256 -43.14 19.31 -15.64
CA PRO A 256 -41.71 19.72 -15.74
C PRO A 256 -40.78 18.61 -16.18
N LYS A 257 -40.75 17.49 -15.44
CA LYS A 257 -39.88 16.38 -15.75
C LYS A 257 -40.61 15.12 -16.15
N ARG A 258 -41.86 14.95 -15.75
CA ARG A 258 -42.60 13.73 -16.08
C ARG A 258 -42.98 13.70 -17.56
N GLU A 259 -43.51 14.81 -18.07
CA GLU A 259 -44.00 14.81 -19.45
C GLU A 259 -42.87 14.60 -20.45
N HIS A 260 -41.71 15.24 -20.22
CA HIS A 260 -40.60 15.08 -21.14
C HIS A 260 -40.05 13.66 -21.10
N TRP A 261 -39.96 13.07 -19.91
CA TRP A 261 -39.54 11.68 -19.77
C TRP A 261 -40.45 10.76 -20.55
N LEU A 262 -41.76 10.88 -20.32
CA LEU A 262 -42.72 10.05 -21.03
C LEU A 262 -42.69 10.30 -22.53
N ASP A 263 -42.50 11.56 -22.93
CA ASP A 263 -42.45 11.87 -24.35
C ASP A 263 -41.29 11.13 -25.00
N TRP A 264 -40.08 11.33 -24.47
CA TRP A 264 -38.91 10.68 -25.05
C TRP A 264 -39.06 9.16 -25.04
N ALA A 265 -39.73 8.61 -24.02
CA ALA A 265 -40.06 7.20 -24.06
C ALA A 265 -40.97 6.88 -25.24
N LYS A 266 -41.94 7.75 -25.53
CA LYS A 266 -42.75 7.49 -26.74
C LYS A 266 -41.83 7.59 -27.96
N GLU A 267 -40.91 8.57 -27.95
CA GLU A 267 -40.01 8.78 -29.11
C GLU A 267 -39.15 7.53 -29.33
N LYS A 268 -38.61 6.94 -28.25
CA LYS A 268 -37.70 5.78 -28.41
C LYS A 268 -38.36 4.52 -27.86
N TYR A 269 -37.61 3.74 -27.09
CA TYR A 269 -38.15 2.47 -26.53
C TYR A 269 -39.21 2.82 -25.49
N ASP A 270 -40.47 2.52 -25.78
CA ASP A 270 -41.58 2.87 -24.86
C ASP A 270 -41.99 1.63 -24.09
N GLU A 271 -41.26 0.54 -24.26
CA GLU A 271 -41.72 -0.74 -23.65
C GLU A 271 -41.03 -1.02 -22.32
N ARG A 272 -40.89 -2.29 -21.99
CA ARG A 272 -40.27 -2.72 -20.72
C ARG A 272 -38.96 -1.97 -20.59
N LEU A 273 -38.33 -1.58 -21.71
CA LEU A 273 -37.02 -0.92 -21.64
C LEU A 273 -37.15 0.29 -20.71
N ILE A 274 -37.94 1.29 -21.08
CA ILE A 274 -38.10 2.51 -20.25
C ILE A 274 -38.71 2.13 -18.90
N SER A 275 -39.62 1.14 -18.86
CA SER A 275 -40.19 0.89 -17.50
C SER A 275 -39.06 0.48 -16.54
N GLN A 276 -38.19 -0.43 -16.98
CA GLN A 276 -37.09 -0.95 -16.15
C GLN A 276 -36.04 0.13 -15.95
N ILE A 277 -35.89 1.04 -16.90
CA ILE A 277 -34.95 2.17 -16.68
C ILE A 277 -35.45 2.95 -15.46
N LYS A 278 -36.74 3.32 -15.45
CA LYS A 278 -37.27 3.99 -14.23
C LYS A 278 -36.99 3.11 -13.02
N MET A 279 -37.27 1.80 -13.14
CA MET A 279 -37.04 0.84 -12.03
C MET A 279 -35.63 0.98 -11.45
N VAL A 280 -34.58 0.90 -12.27
CA VAL A 280 -33.19 0.93 -11.74
C VAL A 280 -32.87 2.34 -11.23
N THR A 281 -33.32 3.38 -11.93
CA THR A 281 -32.97 4.76 -11.49
C THR A 281 -33.36 4.89 -10.02
N ARG A 282 -34.37 4.14 -9.59
CA ARG A 282 -34.81 4.11 -8.18
C ARG A 282 -33.77 3.38 -7.35
N VAL A 283 -33.45 2.13 -7.69
CA VAL A 283 -32.53 1.37 -6.78
C VAL A 283 -31.16 2.06 -6.74
N MET A 284 -30.78 2.80 -7.78
CA MET A 284 -29.44 3.40 -7.82
C MET A 284 -29.40 4.63 -6.91
N PHE A 285 -30.43 5.46 -6.99
CA PHE A 285 -30.48 6.64 -6.07
C PHE A 285 -30.25 6.11 -4.66
N LEU A 286 -30.49 4.81 -4.46
CA LEU A 286 -30.19 4.21 -3.14
C LEU A 286 -28.67 4.10 -2.98
N TYR A 287 -27.97 3.50 -3.95
CA TYR A 287 -26.48 3.37 -3.93
C TYR A 287 -25.81 4.70 -3.57
N ILE A 288 -26.07 5.76 -4.33
CA ILE A 288 -25.52 7.14 -4.10
C ILE A 288 -24.58 7.29 -2.88
N PRO A 289 -24.98 7.14 -1.60
CA PRO A 289 -24.06 7.41 -0.49
C PRO A 289 -22.97 6.37 -0.22
N LEU A 290 -22.96 5.25 -0.96
CA LEU A 290 -21.98 4.17 -0.73
C LEU A 290 -20.53 4.66 -0.88
N PRO A 291 -20.14 5.49 -1.87
CA PRO A 291 -18.75 5.87 -2.11
C PRO A 291 -17.87 5.87 -0.85
N MET A 292 -18.28 6.56 0.20
CA MET A 292 -17.39 6.64 1.38
C MET A 292 -16.90 5.23 1.75
N PHE A 293 -17.80 4.29 2.04
CA PHE A 293 -17.26 2.96 2.40
C PHE A 293 -16.28 2.47 1.35
N TRP A 294 -16.66 2.58 0.07
CA TRP A 294 -15.64 1.98 -0.86
C TRP A 294 -14.30 2.73 -0.81
N ALA A 295 -14.38 4.06 -0.73
CA ALA A 295 -13.16 4.89 -0.67
C ALA A 295 -12.35 4.46 0.53
N LEU A 296 -13.01 4.28 1.67
CA LEU A 296 -12.30 3.87 2.90
C LEU A 296 -11.61 2.53 2.66
N PHE A 297 -12.28 1.49 2.18
CA PHE A 297 -11.52 0.23 1.95
C PHE A 297 -10.27 0.46 1.08
N ASP A 298 -10.40 1.17 -0.06
CA ASP A 298 -9.17 1.28 -0.91
C ASP A 298 -8.08 2.15 -0.26
N GLN A 299 -8.48 3.23 0.43
CA GLN A 299 -7.52 4.14 1.09
C GLN A 299 -6.81 3.27 2.09
N GLN A 300 -7.56 2.40 2.75
CA GLN A 300 -6.98 1.42 3.68
C GLN A 300 -5.85 0.77 2.91
N GLY A 301 -6.16 -0.12 1.98
CA GLY A 301 -5.00 -0.77 1.34
C GLY A 301 -3.83 0.21 1.22
N SER A 302 -4.02 1.30 0.46
CA SER A 302 -2.84 2.20 0.18
C SER A 302 -2.09 2.67 1.42
N ARG A 303 -2.69 3.53 2.25
CA ARG A 303 -1.93 4.16 3.37
C ARG A 303 -1.60 3.14 4.47
N TRP A 304 -2.30 2.01 4.52
CA TRP A 304 -1.93 1.05 5.58
C TRP A 304 -0.63 0.39 5.14
N THR A 305 -0.50 0.11 3.85
CA THR A 305 0.83 -0.41 3.41
C THR A 305 1.88 0.66 3.68
N LEU A 306 1.49 1.92 3.75
CA LEU A 306 2.42 3.00 4.06
C LEU A 306 2.76 3.05 5.55
N GLN A 307 1.76 2.85 6.41
CA GLN A 307 1.98 2.84 7.85
C GLN A 307 2.73 1.59 8.29
N ALA A 308 2.43 0.45 7.68
CA ALA A 308 3.14 -0.78 7.97
C ALA A 308 4.62 -0.65 7.62
N THR A 309 4.93 0.21 6.64
CA THR A 309 6.31 0.47 6.28
C THR A 309 7.14 0.93 7.48
N THR A 310 6.53 1.67 8.40
CA THR A 310 7.29 2.22 9.55
C THR A 310 6.74 1.69 10.89
N MET A 311 6.84 0.38 11.14
CA MET A 311 6.24 -0.14 12.39
C MET A 311 7.26 -0.98 13.16
N ASN A 312 7.34 -2.28 12.89
CA ASN A 312 8.37 -3.11 13.56
C ASN A 312 8.88 -4.17 12.58
N GLY A 313 7.98 -5.05 12.12
CA GLY A 313 8.37 -6.12 11.19
C GLY A 313 8.16 -7.50 11.81
N GLN A 314 7.92 -7.55 13.12
CA GLN A 314 7.78 -8.86 13.82
C GLN A 314 8.97 -9.75 13.46
N ILE A 315 10.20 -9.24 13.65
CA ILE A 315 11.38 -10.12 13.43
C ILE A 315 11.05 -11.46 14.06
N GLY A 316 10.56 -11.44 15.31
CA GLY A 316 10.12 -12.67 15.94
C GLY A 316 10.89 -13.92 15.56
N VAL A 317 10.18 -14.91 15.03
CA VAL A 317 10.84 -16.07 14.45
C VAL A 317 11.05 -15.88 12.95
N ILE A 318 10.06 -15.27 12.31
CA ILE A 318 10.13 -14.98 10.85
C ILE A 318 9.69 -13.54 10.59
N GLU A 319 10.43 -12.74 9.83
CA GLU A 319 10.01 -11.35 9.47
C GLU A 319 8.67 -11.36 8.72
N ILE A 320 7.84 -10.33 8.88
CA ILE A 320 6.48 -10.30 8.25
C ILE A 320 6.50 -9.55 6.91
N GLN A 321 7.48 -8.66 6.68
CA GLN A 321 7.63 -7.91 5.40
C GLN A 321 6.57 -6.82 5.30
N PRO A 322 6.89 -5.61 4.81
CA PRO A 322 5.93 -4.49 4.81
C PRO A 322 4.57 -4.75 4.15
N ASP A 323 4.53 -5.32 2.95
CA ASP A 323 3.24 -5.49 2.23
C ASP A 323 2.70 -6.92 2.36
N GLN A 324 2.36 -7.35 3.56
CA GLN A 324 1.76 -8.71 3.74
C GLN A 324 0.53 -8.61 4.66
N MET A 325 0.16 -7.38 4.99
CA MET A 325 -1.05 -7.21 5.83
C MET A 325 -2.29 -7.36 4.94
N GLN A 326 -2.12 -7.17 3.64
CA GLN A 326 -3.28 -7.42 2.77
C GLN A 326 -3.48 -8.93 2.77
N THR A 327 -2.41 -9.66 3.07
CA THR A 327 -2.55 -11.14 3.18
C THR A 327 -3.49 -11.39 4.34
N VAL A 328 -3.36 -10.59 5.41
CA VAL A 328 -4.22 -10.83 6.61
C VAL A 328 -5.65 -10.65 6.13
N ASN A 329 -5.90 -9.57 5.38
CA ASN A 329 -7.25 -9.32 4.84
C ASN A 329 -7.73 -10.57 4.14
N ALA A 330 -7.01 -11.02 3.12
CA ALA A 330 -7.52 -12.19 2.34
C ALA A 330 -7.80 -13.37 3.26
N ILE A 331 -6.84 -13.72 4.14
CA ILE A 331 -7.01 -14.93 4.99
C ILE A 331 -8.30 -14.79 5.80
N LEU A 332 -8.45 -13.67 6.49
CA LEU A 332 -9.63 -13.52 7.37
C LEU A 332 -10.89 -13.57 6.49
N ILE A 333 -10.90 -12.87 5.35
CA ILE A 333 -12.07 -12.92 4.43
C ILE A 333 -12.44 -14.39 4.26
N VAL A 334 -11.52 -15.17 3.69
CA VAL A 334 -11.89 -16.58 3.43
C VAL A 334 -12.44 -17.20 4.70
N ILE A 335 -11.64 -17.25 5.77
CA ILE A 335 -12.05 -17.99 7.01
C ILE A 335 -13.42 -17.59 7.51
N MET A 336 -13.75 -16.30 7.55
CA MET A 336 -15.03 -15.88 8.20
C MET A 336 -16.20 -15.95 7.22
N VAL A 337 -15.95 -15.78 5.92
CA VAL A 337 -17.09 -15.92 4.97
C VAL A 337 -17.88 -17.17 5.34
N PRO A 338 -17.33 -18.39 5.46
CA PRO A 338 -18.17 -19.53 5.88
C PRO A 338 -18.69 -19.39 7.30
N ILE A 339 -17.93 -18.75 8.19
CA ILE A 339 -18.38 -18.61 9.58
C ILE A 339 -19.62 -17.74 9.67
N MET A 340 -19.69 -16.70 8.83
CA MET A 340 -20.77 -15.73 8.92
C MET A 340 -22.13 -16.38 8.71
N ASP A 341 -22.20 -17.34 7.78
CA ASP A 341 -23.49 -17.87 7.36
C ASP A 341 -24.26 -18.50 8.51
N ALA A 342 -23.57 -19.19 9.42
CA ALA A 342 -24.22 -19.91 10.51
C ALA A 342 -24.07 -19.20 11.84
N VAL A 343 -22.84 -18.90 12.27
CA VAL A 343 -22.61 -18.39 13.63
C VAL A 343 -23.23 -17.01 13.78
N VAL A 344 -22.93 -16.09 12.85
CA VAL A 344 -23.38 -14.72 13.00
C VAL A 344 -24.86 -14.58 12.65
N TYR A 345 -25.41 -15.48 11.84
CA TYR A 345 -26.84 -15.50 11.65
C TYR A 345 -27.43 -16.74 12.30
N PRO A 346 -27.69 -16.70 13.61
CA PRO A 346 -28.37 -17.83 14.26
C PRO A 346 -29.87 -17.70 14.15
N LEU A 347 -30.32 -16.86 13.24
CA LEU A 347 -31.75 -16.51 13.06
C LEU A 347 -32.22 -15.84 14.35
N ILE A 348 -33.44 -16.09 14.79
CA ILE A 348 -33.92 -15.52 16.05
C ILE A 348 -33.19 -16.14 17.25
N ALA A 349 -32.77 -17.39 17.12
CA ALA A 349 -32.08 -18.13 18.18
C ALA A 349 -32.85 -18.06 19.49
N LYS A 350 -32.32 -17.32 20.46
CA LYS A 350 -32.96 -17.13 21.76
C LYS A 350 -32.89 -15.64 22.12
N CYS A 351 -33.27 -14.80 21.16
CA CYS A 351 -33.26 -13.35 21.35
C CYS A 351 -34.48 -12.77 20.66
N GLY A 352 -34.55 -11.45 20.56
CA GLY A 352 -35.73 -10.81 20.03
C GLY A 352 -35.50 -9.87 18.85
N LEU A 353 -34.62 -10.25 17.92
CA LEU A 353 -34.33 -9.36 16.80
C LEU A 353 -34.18 -10.11 15.48
N ASN A 354 -34.65 -9.51 14.40
CA ASN A 354 -34.40 -9.97 13.04
C ASN A 354 -33.56 -8.92 12.31
N PHE A 355 -32.66 -9.39 11.45
CA PHE A 355 -31.58 -8.55 10.95
C PHE A 355 -31.75 -8.36 9.44
N THR A 356 -31.95 -7.11 9.02
CA THR A 356 -32.36 -6.81 7.66
C THR A 356 -31.16 -6.32 6.84
N SER A 357 -31.26 -6.47 5.52
CA SER A 357 -30.13 -6.20 4.63
C SER A 357 -29.63 -4.76 4.77
N LEU A 358 -30.55 -3.80 4.80
CA LEU A 358 -30.13 -2.40 4.88
C LEU A 358 -29.42 -2.10 6.20
N LYS A 359 -29.97 -2.59 7.31
CA LYS A 359 -29.28 -2.41 8.58
C LYS A 359 -28.02 -3.28 8.64
N LYS A 360 -27.97 -4.37 7.86
CA LYS A 360 -26.72 -5.11 7.73
C LYS A 360 -25.63 -4.25 7.08
N MET A 361 -25.97 -3.51 6.03
CA MET A 361 -25.02 -2.58 5.43
C MET A 361 -24.65 -1.47 6.39
N THR A 362 -25.62 -0.99 7.16
CA THR A 362 -25.34 0.03 8.19
C THR A 362 -24.34 -0.49 9.21
N VAL A 363 -24.53 -1.74 9.65
CA VAL A 363 -23.60 -2.35 10.60
C VAL A 363 -22.23 -2.53 9.97
N GLY A 364 -22.18 -2.86 8.68
CA GLY A 364 -20.90 -2.94 8.00
C GLY A 364 -20.16 -1.62 7.99
N MET A 365 -20.88 -0.54 7.69
CA MET A 365 -20.26 0.79 7.76
C MET A 365 -19.79 1.13 9.16
N PHE A 366 -20.58 0.77 10.18
CA PHE A 366 -20.16 1.02 11.56
C PHE A 366 -18.89 0.24 11.90
N LEU A 367 -18.82 -1.02 11.46
CA LEU A 367 -17.62 -1.82 11.71
C LEU A 367 -16.41 -1.25 11.00
N ALA A 368 -16.59 -0.74 9.78
CA ALA A 368 -15.48 -0.07 9.10
C ALA A 368 -15.04 1.18 9.85
N SER A 369 -15.98 1.95 10.37
CA SER A 369 -15.62 3.13 11.16
C SER A 369 -14.83 2.73 12.41
N MET A 370 -15.24 1.65 13.06
CA MET A 370 -14.47 1.12 14.18
C MET A 370 -13.07 0.71 13.73
N ALA A 371 -12.97 0.11 12.54
CA ALA A 371 -11.67 -0.29 12.03
C ALA A 371 -10.75 0.92 11.87
N PHE A 372 -11.28 2.02 11.33
CA PHE A 372 -10.43 3.19 11.13
C PHE A 372 -10.15 3.95 12.42
N VAL A 373 -11.05 3.93 13.41
CA VAL A 373 -10.69 4.55 14.68
C VAL A 373 -9.61 3.73 15.39
N ALA A 374 -9.67 2.40 15.25
CA ALA A 374 -8.58 1.57 15.73
C ALA A 374 -7.29 1.88 14.97
N ALA A 375 -7.40 2.12 13.66
CA ALA A 375 -6.23 2.51 12.89
C ALA A 375 -5.63 3.81 13.42
N ALA A 376 -6.48 4.77 13.75
CA ALA A 376 -6.00 6.06 14.26
C ALA A 376 -5.30 5.90 15.60
N ILE A 377 -5.88 5.10 16.50
CA ILE A 377 -5.26 4.95 17.82
C ILE A 377 -3.96 4.17 17.71
N VAL A 378 -3.90 3.19 16.79
CA VAL A 378 -2.64 2.47 16.57
C VAL A 378 -1.59 3.40 15.99
N GLN A 379 -1.99 4.28 15.05
CA GLN A 379 -1.05 5.24 14.47
C GLN A 379 -0.51 6.17 15.55
N VAL A 380 -1.37 6.63 16.45
CA VAL A 380 -0.89 7.42 17.58
C VAL A 380 0.06 6.62 18.46
N GLU A 381 -0.24 5.33 18.66
CA GLU A 381 0.63 4.47 19.46
C GLU A 381 2.03 4.37 18.85
N ILE A 382 2.14 4.54 17.53
CA ILE A 382 3.44 4.47 16.87
C ILE A 382 4.32 5.66 17.26
N ASP A 383 3.74 6.86 17.34
CA ASP A 383 4.53 8.06 17.58
C ASP A 383 5.13 8.12 18.98
N LYS A 384 4.85 7.11 19.81
CA LYS A 384 5.48 7.07 21.14
C LYS A 384 7.00 7.02 20.95
N THR A 385 7.45 6.52 19.79
CA THR A 385 8.90 6.39 19.53
C THR A 385 9.20 6.82 18.09
N LEU A 386 9.54 8.09 17.88
CA LEU A 386 9.78 8.59 16.51
C LEU A 386 10.93 9.60 16.53
N PRO A 387 11.89 9.53 15.58
CA PRO A 387 12.98 10.51 15.53
C PRO A 387 12.42 11.92 15.35
N VAL A 388 12.64 12.78 16.36
CA VAL A 388 12.11 14.18 16.31
C VAL A 388 12.88 14.99 15.29
N PHE A 389 14.22 14.97 15.31
CA PHE A 389 15.05 15.81 14.41
C PHE A 389 14.66 17.28 14.59
N PRO A 390 15.15 17.96 15.65
CA PRO A 390 14.74 19.35 15.95
C PRO A 390 14.80 20.34 14.77
N ASN A 391 13.97 21.39 14.83
CA ASN A 391 13.98 22.42 13.77
C ASN A 391 15.16 23.37 13.98
N GLY A 392 15.30 24.37 13.12
CA GLY A 392 16.38 25.33 13.24
C GLY A 392 16.32 26.06 14.58
N HIS A 393 17.46 26.65 14.95
CA HIS A 393 17.65 27.45 16.17
C HIS A 393 17.82 26.58 17.41
N GLU A 394 17.83 25.26 17.25
CA GLU A 394 18.17 24.35 18.33
C GLU A 394 19.16 23.29 17.85
N VAL A 395 19.93 22.77 18.80
CA VAL A 395 20.93 21.74 18.55
C VAL A 395 20.68 20.57 19.49
N GLN A 396 21.03 19.37 19.06
CA GLN A 396 20.80 18.15 19.81
C GLN A 396 22.14 17.48 20.05
N VAL A 397 22.49 17.29 21.32
CA VAL A 397 23.87 16.98 21.72
C VAL A 397 23.89 15.75 22.61
N LYS A 398 24.84 14.85 22.35
CA LYS A 398 25.13 13.72 23.22
C LYS A 398 26.63 13.63 23.41
N VAL A 399 27.07 12.97 24.49
CA VAL A 399 28.47 12.84 24.83
C VAL A 399 28.83 11.36 24.89
N LEU A 400 29.90 10.98 24.22
CA LEU A 400 30.41 9.61 24.21
C LEU A 400 31.82 9.61 24.77
N ASN A 401 32.12 8.64 25.62
CA ASN A 401 33.43 8.50 26.24
C ASN A 401 34.24 7.49 25.44
N ILE A 402 35.44 7.87 25.02
CA ILE A 402 36.34 6.98 24.31
C ILE A 402 37.69 6.82 25.02
N GLY A 403 37.87 7.51 26.15
CA GLY A 403 39.10 7.41 26.91
C GLY A 403 39.07 6.25 27.88
N ASN A 404 40.13 6.16 28.69
CA ASN A 404 40.28 5.10 29.67
C ASN A 404 39.74 5.48 31.05
N ASN A 405 39.27 6.70 31.23
CA ASN A 405 38.76 7.16 32.52
C ASN A 405 37.38 7.80 32.36
N SER A 406 36.73 8.04 33.50
CA SER A 406 35.40 8.63 33.49
C SER A 406 35.47 10.13 33.76
N MET A 407 34.69 10.89 33.01
CA MET A 407 34.62 12.34 33.15
C MET A 407 33.23 12.75 33.60
N ASN A 408 33.15 13.88 34.30
CA ASN A 408 31.89 14.49 34.68
C ASN A 408 31.56 15.61 33.69
N ILE A 409 30.56 15.39 32.85
CA ILE A 409 30.18 16.32 31.80
C ILE A 409 29.14 17.28 32.36
N SER A 410 29.43 18.57 32.29
CA SER A 410 28.58 19.60 32.90
C SER A 410 27.77 20.30 31.81
N PHE A 411 26.56 19.81 31.59
CA PHE A 411 25.58 20.52 30.79
C PHE A 411 24.98 21.67 31.59
N PRO A 412 24.36 22.65 30.93
CA PRO A 412 23.70 23.73 31.68
C PRO A 412 22.59 23.19 32.59
N GLY A 413 22.80 23.30 33.90
CA GLY A 413 21.82 22.88 34.87
C GLY A 413 21.91 21.42 35.29
N GLU A 414 22.63 20.59 34.56
CA GLU A 414 22.75 19.18 34.90
C GLU A 414 24.16 18.69 34.62
N THR A 415 24.69 17.87 35.52
CA THR A 415 26.00 17.26 35.37
C THR A 415 25.89 15.77 35.61
N MET A 416 26.44 14.98 34.70
CA MET A 416 26.39 13.53 34.78
C MET A 416 27.78 12.96 34.56
N ALA A 417 28.04 11.79 35.16
CA ALA A 417 29.31 11.10 34.99
C ALA A 417 29.17 10.06 33.88
N VAL A 418 30.12 10.07 32.95
CA VAL A 418 30.15 9.13 31.83
C VAL A 418 31.29 8.16 32.10
N ASN A 419 30.95 6.89 32.30
CA ASN A 419 31.95 5.89 32.63
C ASN A 419 32.81 5.57 31.41
N GLN A 420 33.87 4.79 31.65
CA GLN A 420 34.69 4.30 30.56
C GLN A 420 33.89 3.38 29.66
N MET A 421 34.04 3.55 28.34
CA MET A 421 33.35 2.73 27.34
C MET A 421 31.84 2.80 27.56
N SER A 422 31.31 4.02 27.61
CA SER A 422 29.90 4.27 27.85
C SER A 422 29.47 5.55 27.15
N GLN A 423 28.16 5.73 27.05
CA GLN A 423 27.57 6.94 26.51
C GLN A 423 26.61 7.54 27.53
N THR A 424 26.16 8.75 27.23
CA THR A 424 25.12 9.38 28.03
C THR A 424 23.76 8.81 27.65
N GLY A 425 22.71 9.44 28.17
CA GLY A 425 21.36 9.06 27.84
C GLY A 425 20.98 9.39 26.41
N ASP A 426 19.68 9.44 26.14
CA ASP A 426 19.22 9.76 24.80
C ASP A 426 19.58 11.21 24.45
N PHE A 427 19.43 11.54 23.17
CA PHE A 427 19.77 12.87 22.68
C PHE A 427 18.96 13.95 23.40
N MET A 428 19.68 14.95 23.92
CA MET A 428 19.07 16.06 24.63
C MET A 428 19.26 17.34 23.81
N THR A 429 18.17 18.08 23.65
CA THR A 429 18.16 19.28 22.82
C THR A 429 18.33 20.52 23.69
N PHE A 430 19.20 21.42 23.26
CA PHE A 430 19.45 22.68 23.95
C PHE A 430 19.32 23.83 22.98
N ASP A 431 19.04 25.02 23.52
CA ASP A 431 19.06 26.23 22.71
C ASP A 431 20.49 26.55 22.31
N VAL A 432 20.66 27.11 21.11
CA VAL A 432 22.00 27.47 20.63
C VAL A 432 22.62 28.52 21.53
N ASP A 433 21.86 29.55 21.90
CA ASP A 433 22.38 30.62 22.74
C ASP A 433 22.52 30.21 24.21
N LYS A 434 21.78 29.18 24.64
CA LYS A 434 21.82 28.72 26.02
C LYS A 434 22.70 27.50 26.22
N LEU A 435 23.42 27.06 25.19
CA LEU A 435 24.26 25.87 25.28
C LEU A 435 25.61 26.25 25.87
N SER A 436 25.97 25.63 26.99
CA SER A 436 27.27 25.83 27.64
C SER A 436 27.67 24.52 28.30
N ILE A 437 28.53 23.77 27.62
CA ILE A 437 28.96 22.44 28.07
C ILE A 437 30.36 22.56 28.65
N ASN A 438 30.55 22.02 29.85
CA ASN A 438 31.84 22.03 30.53
C ASN A 438 32.28 20.59 30.78
N ILE A 439 33.56 20.33 30.56
CA ILE A 439 34.13 18.99 30.69
C ILE A 439 35.14 19.00 31.83
N SER A 440 35.00 18.05 32.75
CA SER A 440 35.93 17.90 33.85
C SER A 440 35.89 16.46 34.35
N SER A 441 36.98 16.06 35.02
CA SER A 441 37.07 14.74 35.63
C SER A 441 37.55 14.89 37.06
N THR A 442 37.66 13.76 37.75
CA THR A 442 38.15 13.75 39.13
C THR A 442 39.58 14.29 39.21
N GLY A 443 39.74 15.46 39.83
CA GLY A 443 41.04 16.07 39.99
C GLY A 443 41.51 16.91 38.82
N SER A 444 40.72 16.99 37.73
CA SER A 444 41.15 17.76 36.58
C SER A 444 40.40 19.09 36.51
N PRO A 445 41.03 20.14 35.96
CA PRO A 445 40.34 21.42 35.83
C PRO A 445 39.20 21.35 34.84
N VAL A 446 38.19 22.20 35.06
CA VAL A 446 37.02 22.23 34.21
C VAL A 446 37.39 22.85 32.87
N THR A 447 37.13 22.12 31.77
CA THR A 447 37.45 22.60 30.44
C THR A 447 36.16 22.87 29.67
N PRO A 448 35.81 24.13 29.41
CA PRO A 448 34.60 24.42 28.63
C PRO A 448 34.82 24.11 27.15
N VAL A 449 33.73 23.76 26.46
CA VAL A 449 33.80 23.48 25.03
C VAL A 449 33.79 24.81 24.28
N THR A 450 34.58 24.90 23.20
CA THR A 450 34.65 26.09 22.37
C THR A 450 34.42 25.67 20.92
N HIS A 451 33.16 25.60 20.52
CA HIS A 451 32.79 25.21 19.17
C HIS A 451 31.50 25.92 18.77
N ASN A 452 31.34 26.14 17.47
CA ASN A 452 30.14 26.76 16.92
C ASN A 452 29.22 25.67 16.40
N PHE A 453 28.19 25.35 17.18
CA PHE A 453 27.25 24.31 16.80
C PHE A 453 26.22 24.88 15.84
N GLU A 454 26.17 24.32 14.63
CA GLU A 454 25.22 24.79 13.63
C GLU A 454 23.79 24.41 14.05
N GLN A 455 22.86 25.34 13.84
CA GLN A 455 21.49 25.13 14.27
C GLN A 455 20.81 24.04 13.44
N GLY A 456 19.89 23.32 14.07
CA GLY A 456 19.11 22.31 13.39
C GLY A 456 19.83 21.02 13.09
N HIS A 457 20.95 20.74 13.78
CA HIS A 457 21.73 19.54 13.52
C HIS A 457 22.06 18.85 14.83
N ARG A 458 22.25 17.54 14.76
CA ARG A 458 22.63 16.74 15.92
C ARG A 458 24.14 16.64 16.02
N HIS A 459 24.67 16.81 17.23
CA HIS A 459 26.10 16.81 17.47
C HIS A 459 26.45 15.76 18.50
N THR A 460 27.56 15.06 18.28
CA THR A 460 28.10 14.08 19.20
C THR A 460 29.46 14.55 19.69
N ILE A 461 29.69 14.47 21.00
CA ILE A 461 30.92 14.95 21.61
C ILE A 461 31.75 13.75 22.04
N LEU A 462 32.91 13.57 21.41
CA LEU A 462 33.85 12.52 21.80
C LEU A 462 34.90 13.10 22.73
N VAL A 463 35.00 12.53 23.92
CA VAL A 463 35.96 12.97 24.93
C VAL A 463 36.82 11.78 25.32
N TRP A 464 38.14 11.96 25.24
CA TRP A 464 39.09 10.95 25.71
C TRP A 464 40.01 11.47 26.79
N ALA A 465 40.07 12.78 27.02
CA ALA A 465 40.88 13.38 28.07
C ALA A 465 40.15 14.61 28.57
N PRO A 466 40.40 15.05 29.80
CA PRO A 466 39.69 16.24 30.31
C PRO A 466 39.88 17.48 29.47
N ASN A 467 41.05 17.65 28.85
CA ASN A 467 41.33 18.82 28.01
C ASN A 467 41.38 18.48 26.53
N HIS A 468 40.86 17.33 26.12
CA HIS A 468 40.85 16.92 24.71
C HIS A 468 39.44 16.52 24.32
N TYR A 469 38.93 17.14 23.26
CA TYR A 469 37.58 16.84 22.76
C TYR A 469 37.47 17.32 21.32
N ARG A 470 36.40 16.90 20.66
CA ARG A 470 36.09 17.35 19.31
C ARG A 470 34.61 17.16 19.04
N VAL A 471 34.10 17.86 18.04
CA VAL A 471 32.68 17.87 17.70
C VAL A 471 32.51 17.21 16.34
N ILE A 472 31.55 16.28 16.24
CA ILE A 472 31.25 15.58 15.00
C ILE A 472 29.75 15.72 14.76
N LYS A 473 29.38 16.24 13.59
CA LYS A 473 27.97 16.36 13.23
C LYS A 473 27.47 15.05 12.63
N ASP A 474 26.22 14.70 12.94
CA ASP A 474 25.66 13.44 12.48
C ASP A 474 25.30 13.50 11.00
N GLY A 475 24.46 14.46 10.62
CA GLY A 475 24.14 14.65 9.22
C GLY A 475 23.01 13.80 8.68
N LEU A 476 22.27 13.10 9.55
CA LEU A 476 21.09 12.35 9.14
C LEU A 476 19.79 13.03 9.54
N ASP A 477 19.79 14.37 9.57
CA ASP A 477 18.61 15.09 10.09
C ASP A 477 17.35 14.72 9.30
N ARG A 478 17.48 13.91 8.26
CA ARG A 478 16.31 13.61 7.39
C ARG A 478 15.92 12.13 7.48
N LYS A 479 16.00 11.53 8.68
CA LYS A 479 15.56 10.12 8.88
C LYS A 479 16.47 9.18 8.09
N PRO A 480 16.22 7.85 8.06
CA PRO A 480 16.99 6.95 7.18
C PRO A 480 16.59 7.21 5.73
N GLU A 481 16.00 8.37 5.43
CA GLU A 481 15.54 8.72 4.05
C GLU A 481 14.64 7.59 3.56
N LYS A 482 14.93 7.01 2.39
CA LYS A 482 14.17 5.84 1.90
C LYS A 482 14.94 4.58 2.28
N GLY A 483 16.19 4.75 2.74
CA GLY A 483 17.04 3.61 3.11
C GLY A 483 16.57 2.92 4.38
N GLN A 484 17.09 1.72 4.64
CA GLN A 484 16.66 0.95 5.83
C GLN A 484 17.46 1.41 7.06
N ASN A 485 18.66 0.88 7.28
CA ASN A 485 19.39 1.18 8.51
C ASN A 485 20.77 1.71 8.15
N GLY A 486 21.41 2.36 9.14
CA GLY A 486 22.71 2.95 8.93
C GLY A 486 23.68 2.59 10.04
N ILE A 487 24.89 3.13 9.93
CA ILE A 487 25.97 2.80 10.85
C ILE A 487 27.10 3.81 10.66
N ARG A 488 27.78 4.13 11.76
CA ARG A 488 29.10 4.76 11.70
C ARG A 488 30.11 3.83 12.34
N PHE A 489 31.39 4.17 12.19
CA PHE A 489 32.48 3.60 12.96
C PHE A 489 33.22 4.74 13.63
N VAL A 490 33.66 4.53 14.86
CA VAL A 490 34.36 5.54 15.64
C VAL A 490 35.72 4.99 16.04
N ASN A 491 36.77 5.75 15.74
CA ASN A 491 38.14 5.33 16.00
C ASN A 491 38.53 5.75 17.41
N ALA A 492 39.02 4.80 18.20
CA ALA A 492 39.62 5.08 19.49
C ALA A 492 41.11 4.79 19.53
N PHE A 493 41.71 4.48 18.38
CA PHE A 493 43.13 4.16 18.31
C PHE A 493 43.93 5.41 17.93
N ASP A 494 45.22 5.39 18.28
CA ASP A 494 46.11 6.50 17.98
C ASP A 494 46.35 6.69 16.48
N LYS A 495 46.22 5.63 15.69
CA LYS A 495 46.36 5.71 14.24
C LYS A 495 45.07 5.29 13.56
N SER A 496 44.87 5.81 12.35
CA SER A 496 43.64 5.56 11.62
C SER A 496 43.57 4.12 11.13
N PHE A 497 42.34 3.68 10.82
CA PHE A 497 42.14 2.36 10.24
C PHE A 497 41.14 2.46 9.09
N ASP A 498 41.11 1.41 8.28
CA ASP A 498 40.14 1.26 7.21
C ASP A 498 39.40 -0.06 7.40
N VAL A 499 38.09 -0.05 7.12
CA VAL A 499 37.24 -1.21 7.36
C VAL A 499 36.42 -1.48 6.11
N THR A 500 36.31 -2.76 5.74
CA THR A 500 35.44 -3.20 4.65
C THR A 500 34.34 -4.06 5.26
N MET A 501 33.10 -3.56 5.20
CA MET A 501 31.95 -4.26 5.76
C MET A 501 30.96 -4.54 4.63
N ASP A 502 30.68 -5.84 4.41
CA ASP A 502 29.72 -6.28 3.39
C ASP A 502 30.07 -5.73 2.01
N GLY A 503 31.38 -5.58 1.75
CA GLY A 503 31.87 -5.12 0.48
C GLY A 503 32.11 -3.62 0.40
N THR A 504 31.51 -2.84 1.29
CA THR A 504 31.71 -1.39 1.32
C THR A 504 32.89 -1.07 2.23
N VAL A 505 33.75 -0.17 1.77
CA VAL A 505 35.04 0.10 2.41
C VAL A 505 34.98 1.46 3.08
N TYR A 506 35.27 1.49 4.38
CA TYR A 506 35.54 2.73 5.10
C TYR A 506 37.03 3.05 4.93
N VAL A 507 37.33 4.26 4.47
CA VAL A 507 38.69 4.63 4.13
C VAL A 507 39.19 5.67 5.12
N ASN A 508 40.28 5.34 5.82
CA ASN A 508 41.05 6.30 6.62
C ASN A 508 40.18 6.97 7.68
N VAL A 509 39.70 6.15 8.62
CA VAL A 509 38.95 6.68 9.76
C VAL A 509 39.94 7.28 10.75
N THR A 510 40.04 8.61 10.76
CA THR A 510 41.10 9.29 11.49
C THR A 510 41.00 9.04 12.99
N SER A 511 42.12 9.24 13.67
CA SER A 511 42.25 8.90 15.08
C SER A 511 41.30 9.75 15.94
N HIS A 512 40.65 9.09 16.89
CA HIS A 512 39.74 9.74 17.84
C HIS A 512 38.62 10.50 17.14
N SER A 513 38.23 10.03 15.95
CA SER A 513 37.17 10.65 15.17
C SER A 513 36.12 9.60 14.83
N ALA A 514 35.18 9.98 13.97
CA ALA A 514 34.08 9.12 13.57
C ALA A 514 34.00 9.02 12.05
N SER A 515 33.63 7.84 11.57
CA SER A 515 33.44 7.62 10.15
C SER A 515 32.08 8.15 9.71
N GLU A 516 31.91 8.29 8.40
CA GLU A 516 30.69 8.84 7.86
C GLU A 516 29.62 7.76 7.71
N TYR A 517 28.40 8.21 7.43
CA TYR A 517 27.25 7.33 7.33
C TYR A 517 27.08 6.75 5.94
N GLN A 518 26.78 5.45 5.87
CA GLN A 518 26.30 4.79 4.68
C GLN A 518 25.36 3.65 5.08
N PHE A 519 24.45 3.31 4.18
CA PHE A 519 23.36 2.39 4.48
C PHE A 519 23.71 0.99 3.98
N PHE A 520 23.22 -0.03 4.69
CA PHE A 520 23.44 -1.43 4.38
C PHE A 520 22.13 -2.18 4.54
N PRO A 521 22.01 -3.36 3.91
CA PRO A 521 20.77 -4.13 4.06
C PRO A 521 20.65 -4.75 5.45
N SER A 522 19.48 -5.32 5.69
CA SER A 522 19.20 -5.94 6.98
C SER A 522 19.97 -7.25 7.13
N GLY A 523 20.06 -7.72 8.37
CA GLY A 523 20.77 -8.93 8.69
C GLY A 523 22.09 -8.65 9.39
N LYS A 524 22.75 -9.73 9.81
CA LYS A 524 24.03 -9.63 10.49
C LYS A 524 25.15 -9.49 9.47
N LYS A 525 25.98 -8.47 9.64
CA LYS A 525 27.04 -8.15 8.71
C LYS A 525 28.40 -8.26 9.39
N SER A 526 29.37 -8.82 8.68
CA SER A 526 30.73 -8.94 9.18
C SER A 526 31.61 -7.88 8.54
N PHE A 527 32.60 -7.40 9.30
CA PHE A 527 33.50 -6.36 8.83
C PHE A 527 34.93 -6.71 9.21
N THR A 528 35.86 -6.21 8.40
CA THR A 528 37.30 -6.42 8.59
C THR A 528 37.98 -5.07 8.74
N ILE A 529 38.73 -4.90 9.83
CA ILE A 529 39.37 -3.63 10.17
C ILE A 529 40.88 -3.77 10.00
N ASN A 530 41.46 -2.92 9.16
CA ASN A 530 42.88 -2.99 8.82
C ASN A 530 43.55 -1.68 9.26
N SER A 531 44.65 -1.81 10.00
CA SER A 531 45.43 -0.66 10.43
C SER A 531 46.85 -1.10 10.74
N THR A 532 47.78 -0.14 10.74
CA THR A 532 49.14 -0.42 11.15
C THR A 532 49.29 -0.50 12.66
N GLU A 533 48.32 0.03 13.42
CA GLU A 533 48.36 -0.05 14.88
C GLU A 533 47.99 -1.43 15.41
N ILE A 534 47.17 -2.18 14.69
CA ILE A 534 46.74 -3.51 15.10
C ILE A 534 47.42 -4.51 14.17
N SER A 535 48.12 -5.47 14.77
CA SER A 535 48.84 -6.47 13.98
C SER A 535 47.89 -7.58 13.55
N GLN A 536 48.38 -8.46 12.68
CA GLN A 536 47.53 -9.43 12.01
C GLN A 536 47.10 -10.58 12.91
N GLN A 537 47.80 -10.80 14.03
CA GLN A 537 47.53 -11.96 14.87
C GLN A 537 46.10 -11.97 15.41
N CYS A 538 45.64 -10.83 15.93
CA CYS A 538 44.25 -10.74 16.37
C CYS A 538 43.33 -10.68 15.14
N GLU A 539 42.40 -11.63 15.05
CA GLU A 539 41.48 -11.67 13.92
C GLU A 539 40.61 -10.43 13.89
N ARG A 540 40.75 -9.64 12.83
CA ARG A 540 40.12 -8.34 12.70
C ARG A 540 38.67 -8.42 12.24
N ASN A 541 38.09 -9.62 12.20
CA ASN A 541 36.71 -9.77 11.74
C ASN A 541 35.77 -9.86 12.92
N PHE A 542 34.67 -9.10 12.85
CA PHE A 542 33.63 -9.13 13.86
C PHE A 542 32.26 -9.15 13.18
N THR A 543 31.29 -9.82 13.81
CA THR A 543 29.94 -9.95 13.19
C THR A 543 28.92 -9.09 13.94
N SER A 544 28.13 -8.28 13.23
CA SER A 544 27.19 -7.34 13.88
C SER A 544 26.07 -8.06 14.63
N PRO A 545 25.65 -7.57 15.82
CA PRO A 545 24.47 -8.10 16.52
C PRO A 545 23.17 -7.69 15.80
N ARG A 546 22.09 -8.45 15.97
CA ARG A 546 20.77 -8.16 15.32
C ARG A 546 20.57 -6.68 14.97
N LEU A 547 20.39 -6.36 13.69
CA LEU A 547 20.15 -4.99 13.23
C LEU A 547 18.69 -4.85 12.79
N GLY A 548 18.05 -3.77 13.25
CA GLY A 548 16.65 -3.55 12.94
C GLY A 548 16.42 -2.63 11.75
N PHE A 549 15.14 -2.42 11.44
CA PHE A 549 14.76 -1.56 10.33
C PHE A 549 14.78 -0.10 10.77
N GLY A 550 15.37 0.76 9.94
CA GLY A 550 15.38 2.19 10.22
C GLY A 550 16.23 2.60 11.40
N SER A 551 17.20 1.78 11.79
CA SER A 551 18.03 2.06 12.95
C SER A 551 19.38 2.62 12.54
N ALA A 552 20.08 3.17 13.53
CA ALA A 552 21.45 3.66 13.35
C ALA A 552 22.21 3.34 14.63
N TYR A 553 23.48 2.95 14.48
CA TYR A 553 24.29 2.52 15.60
C TYR A 553 25.68 3.14 15.48
N THR A 554 26.40 3.19 16.60
CA THR A 554 27.74 3.73 16.66
C THR A 554 28.68 2.64 17.16
N TYR A 555 29.69 2.30 16.36
CA TYR A 555 30.66 1.28 16.73
C TYR A 555 31.99 1.94 17.10
N VAL A 556 32.47 1.64 18.30
CA VAL A 556 33.71 2.19 18.83
C VAL A 556 34.71 1.05 18.96
N MET A 557 35.90 1.24 18.40
CA MET A 557 36.97 0.25 18.45
C MET A 557 38.02 0.69 19.45
N GLY A 558 37.98 0.11 20.66
CA GLY A 558 38.90 0.43 21.71
C GLY A 558 39.99 -0.62 21.87
N ARG A 559 40.64 -0.57 23.04
CA ARG A 559 41.74 -1.48 23.37
C ARG A 559 41.30 -2.48 24.43
N LYS A 560 41.60 -3.76 24.19
CA LYS A 560 41.37 -4.81 25.15
C LYS A 560 42.49 -4.83 26.18
N ALA A 561 42.57 -5.89 26.98
CA ALA A 561 43.70 -6.05 27.89
C ALA A 561 45.00 -6.18 27.11
N ASP A 562 44.98 -6.90 26.00
CA ASP A 562 46.12 -7.00 25.10
C ASP A 562 46.12 -5.91 24.03
N GLY A 563 45.12 -5.03 24.02
CA GLY A 563 45.07 -3.94 23.08
C GLY A 563 44.36 -4.22 21.78
N CYS A 564 43.93 -5.45 21.54
CA CYS A 564 43.22 -5.76 20.30
C CYS A 564 41.80 -5.18 20.35
N PRO A 565 41.24 -4.80 19.19
CA PRO A 565 39.94 -4.13 19.18
C PRO A 565 38.79 -4.96 19.75
N GLU A 566 37.92 -4.29 20.51
CA GLU A 566 36.71 -4.91 21.06
C GLU A 566 35.48 -4.16 20.54
N LEU A 567 34.36 -4.86 20.45
CA LEU A 567 33.13 -4.26 19.92
C LEU A 567 32.44 -3.38 20.96
N SER A 568 31.87 -2.28 20.48
CA SER A 568 31.14 -1.33 21.33
C SER A 568 29.92 -0.85 20.55
N VAL A 569 28.73 -1.30 20.94
CA VAL A 569 27.50 -0.92 20.25
C VAL A 569 26.74 0.10 21.10
N PHE A 570 26.59 1.31 20.56
CA PHE A 570 25.91 2.41 21.24
C PHE A 570 24.95 3.06 20.24
N GLY A 571 23.67 2.72 20.33
CA GLY A 571 22.72 3.23 19.37
C GLY A 571 22.39 4.69 19.61
N ASP A 572 22.07 5.39 18.52
CA ASP A 572 21.61 6.78 18.60
C ASP A 572 20.18 6.80 18.14
N ILE A 573 19.86 6.26 16.96
CA ILE A 573 18.47 6.13 16.52
C ILE A 573 18.04 4.68 16.72
N PRO A 574 17.13 4.34 17.67
CA PRO A 574 16.81 2.93 17.91
C PRO A 574 15.91 2.33 16.81
N PRO A 575 15.86 1.00 16.60
CA PRO A 575 14.94 0.43 15.60
C PRO A 575 13.47 0.57 16.05
N ASN A 576 12.59 0.86 15.10
CA ASN A 576 11.15 1.08 15.43
C ASN A 576 10.54 -0.25 15.91
N THR A 577 9.69 -0.19 16.94
CA THR A 577 9.08 -1.42 17.52
C THR A 577 7.64 -1.18 17.93
N VAL A 578 6.68 -1.94 17.40
CA VAL A 578 5.26 -1.85 17.87
C VAL A 578 4.57 -3.20 17.65
N ASN A 579 5.08 -4.03 16.73
CA ASN A 579 4.51 -5.38 16.41
C ASN A 579 3.28 -5.21 15.54
N MET A 580 3.27 -5.86 14.37
CA MET A 580 2.14 -5.73 13.41
C MET A 580 0.81 -6.16 14.04
N ALA A 581 0.81 -6.70 15.25
CA ALA A 581 -0.43 -7.18 15.91
C ALA A 581 -1.53 -6.12 15.77
N LEU A 582 -1.12 -4.87 15.85
CA LEU A 582 -2.12 -3.80 15.76
C LEU A 582 -2.78 -3.84 14.37
N GLN A 583 -1.96 -4.01 13.33
CA GLN A 583 -2.65 -4.14 12.03
C GLN A 583 -3.64 -5.31 12.12
N ILE A 584 -3.44 -6.31 13.01
CA ILE A 584 -4.43 -7.44 12.97
C ILE A 584 -5.83 -6.96 13.40
N PRO A 585 -6.15 -6.26 14.52
CA PRO A 585 -7.48 -5.73 14.77
C PRO A 585 -7.97 -4.91 13.58
N GLN A 586 -7.12 -4.04 13.05
CA GLN A 586 -7.59 -3.15 11.96
C GLN A 586 -8.15 -4.05 10.87
N TYR A 587 -7.36 -5.02 10.43
CA TYR A 587 -7.79 -5.88 9.30
C TYR A 587 -8.99 -6.72 9.72
N PHE A 588 -9.05 -7.29 10.92
CA PHE A 588 -10.27 -8.03 11.31
C PHE A 588 -11.48 -7.15 11.09
N LEU A 589 -11.49 -5.96 11.69
CA LEU A 589 -12.72 -5.15 11.58
C LEU A 589 -13.00 -4.79 10.12
N LEU A 590 -11.98 -4.38 9.36
CA LEU A 590 -12.30 -3.92 7.98
C LEU A 590 -12.81 -5.12 7.18
N THR A 591 -12.25 -6.30 7.41
CA THR A 591 -12.67 -7.54 6.73
C THR A 591 -14.16 -7.77 7.05
N CYS A 592 -14.52 -7.80 8.32
CA CYS A 592 -15.93 -8.06 8.69
C CYS A 592 -16.78 -7.08 7.90
N GLY A 593 -16.39 -5.80 7.97
CA GLY A 593 -17.20 -4.78 7.29
C GLY A 593 -17.38 -5.14 5.84
N GLU A 594 -16.28 -5.18 5.08
CA GLU A 594 -16.34 -5.49 3.64
C GLU A 594 -17.30 -6.66 3.47
N VAL A 595 -17.02 -7.80 4.09
CA VAL A 595 -17.86 -9.01 3.88
C VAL A 595 -19.33 -8.62 3.96
N VAL A 596 -19.78 -8.31 5.19
CA VAL A 596 -21.25 -8.10 5.29
C VAL A 596 -21.71 -7.07 4.24
N PHE A 597 -21.13 -5.87 4.25
CA PHE A 597 -21.64 -4.81 3.33
C PHE A 597 -21.75 -5.34 1.91
N SER A 598 -20.63 -5.76 1.32
CA SER A 598 -20.62 -6.15 -0.11
C SER A 598 -21.68 -7.23 -0.35
N VAL A 599 -21.59 -8.33 0.39
CA VAL A 599 -22.54 -9.44 0.06
C VAL A 599 -23.96 -8.89 0.11
N THR A 600 -24.33 -8.29 1.24
CA THR A 600 -25.73 -7.86 1.42
C THR A 600 -26.13 -6.93 0.27
N GLY A 601 -25.34 -5.91 -0.02
CA GLY A 601 -25.71 -4.93 -1.04
C GLY A 601 -25.92 -5.60 -2.38
N LEU A 602 -24.92 -6.37 -2.83
CA LEU A 602 -25.05 -6.95 -4.19
C LEU A 602 -26.32 -7.81 -4.22
N GLU A 603 -26.58 -8.59 -3.17
CA GLU A 603 -27.75 -9.51 -3.24
C GLU A 603 -29.04 -8.69 -3.24
N PHE A 604 -29.16 -7.71 -2.34
CA PHE A 604 -30.39 -6.90 -2.21
C PHE A 604 -30.55 -6.08 -3.49
N SER A 605 -29.46 -5.43 -3.90
CA SER A 605 -29.62 -4.73 -5.16
C SER A 605 -30.07 -5.67 -6.26
N TYR A 606 -29.51 -6.88 -6.31
CA TYR A 606 -29.92 -7.85 -7.30
C TYR A 606 -31.37 -8.27 -7.13
N SER A 607 -31.84 -8.43 -5.90
CA SER A 607 -33.20 -8.90 -5.64
C SER A 607 -34.27 -7.89 -6.03
N GLN A 608 -33.97 -6.59 -5.95
CA GLN A 608 -34.93 -5.56 -6.28
C GLN A 608 -34.81 -5.07 -7.72
N ALA A 609 -34.29 -5.91 -8.62
CA ALA A 609 -34.06 -5.54 -10.00
C ALA A 609 -34.40 -6.71 -10.91
N PRO A 610 -34.78 -6.43 -12.15
CA PRO A 610 -35.05 -7.53 -13.08
C PRO A 610 -33.77 -8.25 -13.46
N SER A 611 -33.91 -9.50 -13.89
CA SER A 611 -32.77 -10.28 -14.34
C SER A 611 -32.10 -9.64 -15.56
N ASN A 612 -32.85 -8.82 -16.30
CA ASN A 612 -32.31 -8.23 -17.51
C ASN A 612 -31.21 -7.21 -17.23
N MET A 613 -31.34 -6.40 -16.18
CA MET A 613 -30.36 -5.36 -15.90
C MET A 613 -29.38 -5.75 -14.79
N LYS A 614 -29.01 -7.03 -14.70
CA LYS A 614 -27.99 -7.42 -13.74
C LYS A 614 -26.67 -6.72 -13.99
N SER A 615 -26.36 -6.41 -15.25
CA SER A 615 -25.14 -5.69 -15.63
C SER A 615 -25.17 -4.23 -15.20
N VAL A 616 -26.34 -3.58 -15.28
CA VAL A 616 -26.42 -2.16 -14.92
C VAL A 616 -26.12 -1.96 -13.44
N LEU A 617 -26.54 -2.90 -12.59
CA LEU A 617 -26.18 -2.81 -11.17
C LEU A 617 -24.68 -2.94 -10.98
N GLN A 618 -24.03 -3.82 -11.75
CA GLN A 618 -22.58 -3.93 -11.70
C GLN A 618 -21.92 -2.63 -12.13
N ALA A 619 -22.45 -1.99 -13.18
CA ALA A 619 -21.91 -0.71 -13.62
C ALA A 619 -22.06 0.35 -12.54
N GLY A 620 -23.21 0.37 -11.87
CA GLY A 620 -23.39 1.31 -10.77
C GLY A 620 -22.42 1.05 -9.63
N TRP A 621 -22.21 -0.23 -9.30
CA TRP A 621 -21.24 -0.59 -8.25
C TRP A 621 -19.85 -0.10 -8.61
N LEU A 622 -19.40 -0.38 -9.84
CA LEU A 622 -18.06 0.02 -10.25
C LEU A 622 -17.92 1.54 -10.29
N LEU A 623 -18.94 2.25 -10.77
CA LEU A 623 -18.90 3.70 -10.78
C LEU A 623 -18.83 4.24 -9.35
N THR A 624 -19.55 3.61 -8.42
CA THR A 624 -19.48 4.01 -7.01
C THR A 624 -18.07 3.86 -6.47
N VAL A 625 -17.44 2.71 -6.74
CA VAL A 625 -16.08 2.48 -6.24
C VAL A 625 -15.12 3.49 -6.85
N ALA A 626 -15.27 3.77 -8.15
CA ALA A 626 -14.39 4.73 -8.81
C ALA A 626 -14.56 6.14 -8.25
N VAL A 627 -15.81 6.54 -7.99
CA VAL A 627 -16.05 7.85 -7.39
C VAL A 627 -15.43 7.94 -6.01
N GLY A 628 -15.54 6.85 -5.23
CA GLY A 628 -14.87 6.83 -3.94
C GLY A 628 -13.37 6.97 -4.05
N ASN A 629 -12.78 6.30 -5.05
CA ASN A 629 -11.35 6.45 -5.28
C ASN A 629 -10.99 7.88 -5.64
N ILE A 630 -11.81 8.54 -6.46
CA ILE A 630 -11.55 9.93 -6.81
C ILE A 630 -11.66 10.82 -5.56
N ILE A 631 -12.59 10.49 -4.66
CA ILE A 631 -12.69 11.23 -3.40
C ILE A 631 -11.42 11.07 -2.57
N VAL A 632 -10.92 9.84 -2.47
CA VAL A 632 -9.67 9.62 -1.74
C VAL A 632 -8.53 10.37 -2.42
N LEU A 633 -8.55 10.41 -3.75
CA LEU A 633 -7.57 11.21 -4.49
C LEU A 633 -7.61 12.68 -4.07
N ILE A 634 -8.79 13.29 -4.12
CA ILE A 634 -8.88 14.71 -3.84
C ILE A 634 -8.65 15.03 -2.37
N VAL A 635 -8.76 14.04 -1.49
CA VAL A 635 -8.44 14.21 -0.08
C VAL A 635 -6.94 14.06 0.18
N ALA A 636 -6.30 13.06 -0.45
CA ALA A 636 -4.93 12.71 -0.09
C ALA A 636 -3.92 13.53 -0.88
N GLY A 637 -4.17 13.76 -2.17
CA GLY A 637 -3.22 14.52 -2.97
C GLY A 637 -3.27 16.01 -2.68
N ALA A 638 -4.43 16.51 -2.28
CA ALA A 638 -4.60 17.95 -2.04
C ALA A 638 -4.36 18.33 -0.59
N GLY A 639 -4.92 17.59 0.36
CA GLY A 639 -4.82 17.93 1.76
C GLY A 639 -3.58 17.38 2.44
N GLN A 640 -2.62 18.24 2.74
CA GLN A 640 -1.36 17.85 3.40
C GLN A 640 -1.17 18.70 4.63
N PHE A 641 -1.76 18.27 5.75
CA PHE A 641 -1.61 19.01 7.00
C PHE A 641 -0.85 18.20 8.03
N SER A 642 -1.37 17.03 8.38
CA SER A 642 -0.80 16.20 9.43
C SER A 642 -0.49 14.79 8.95
N LYS A 643 -0.19 13.90 9.90
CA LYS A 643 0.15 12.52 9.62
C LYS A 643 -1.09 11.69 9.33
N GLN A 644 -0.94 10.36 9.32
CA GLN A 644 -2.05 9.45 9.06
C GLN A 644 -3.22 9.62 10.04
N TRP A 645 -2.95 10.05 11.27
CA TRP A 645 -4.01 10.19 12.26
C TRP A 645 -5.06 11.19 11.81
N ALA A 646 -4.64 12.30 11.21
CA ALA A 646 -5.58 13.35 10.84
C ALA A 646 -6.64 12.83 9.86
N GLU A 647 -6.20 12.26 8.73
CA GLU A 647 -7.20 11.83 7.76
C GLU A 647 -7.86 10.53 8.19
N TYR A 648 -7.21 9.76 9.06
CA TYR A 648 -7.90 8.61 9.65
C TYR A 648 -9.13 9.06 10.44
N ILE A 649 -8.95 10.05 11.31
CA ILE A 649 -10.06 10.57 12.09
C ILE A 649 -11.09 11.22 11.18
N LEU A 650 -10.62 11.97 10.18
CA LEU A 650 -11.53 12.64 9.26
C LEU A 650 -12.39 11.65 8.50
N PHE A 651 -11.77 10.57 8.00
CA PHE A 651 -12.51 9.54 7.28
C PHE A 651 -13.47 8.80 8.21
N ALA A 652 -13.05 8.53 9.44
CA ALA A 652 -13.94 7.87 10.39
C ALA A 652 -15.18 8.71 10.65
N ALA A 653 -14.98 10.03 10.84
CA ALA A 653 -16.13 10.92 11.05
C ALA A 653 -17.04 10.96 9.83
N LEU A 654 -16.44 11.06 8.62
CA LEU A 654 -17.25 11.07 7.42
C LEU A 654 -18.04 9.77 7.27
N LEU A 655 -17.41 8.64 7.57
CA LEU A 655 -18.08 7.36 7.45
C LEU A 655 -19.22 7.23 8.47
N LEU A 656 -19.03 7.73 9.68
CA LEU A 656 -20.11 7.69 10.66
C LEU A 656 -21.28 8.56 10.21
N VAL A 657 -20.98 9.74 9.65
CA VAL A 657 -22.03 10.61 9.13
C VAL A 657 -22.77 9.91 7.99
N VAL A 658 -22.03 9.30 7.07
CA VAL A 658 -22.65 8.56 5.97
C VAL A 658 -23.49 7.41 6.50
N CYS A 659 -23.02 6.76 7.56
CA CYS A 659 -23.77 5.66 8.16
C CYS A 659 -25.11 6.12 8.71
N VAL A 660 -25.12 7.24 9.44
CA VAL A 660 -26.39 7.72 9.99
C VAL A 660 -27.32 8.21 8.87
N ILE A 661 -26.74 8.83 7.83
CA ILE A 661 -27.55 9.25 6.69
C ILE A 661 -28.19 8.05 5.99
N PHE A 662 -27.40 6.98 5.82
CA PHE A 662 -27.92 5.78 5.19
C PHE A 662 -28.97 5.10 6.06
N GLY A 663 -28.81 5.15 7.38
CA GLY A 663 -29.85 4.64 8.27
C GLY A 663 -31.15 5.41 8.10
N ILE A 664 -31.06 6.75 8.06
CA ILE A 664 -32.25 7.56 7.85
C ILE A 664 -32.88 7.24 6.50
N MET A 665 -32.07 7.09 5.46
CA MET A 665 -32.58 6.70 4.15
C MET A 665 -33.27 5.33 4.18
N ALA A 666 -32.70 4.38 4.93
CA ALA A 666 -33.31 3.07 5.10
C ALA A 666 -34.64 3.12 5.84
N GLN A 667 -34.80 4.09 6.75
CA GLN A 667 -36.09 4.23 7.44
C GLN A 667 -37.21 4.59 6.47
N PHE A 668 -36.89 5.26 5.36
CA PHE A 668 -37.88 5.66 4.37
C PHE A 668 -37.51 5.05 3.01
N TYR A 669 -38.08 3.88 2.73
CA TYR A 669 -37.91 3.23 1.43
C TYR A 669 -39.01 2.20 1.25
N THR A 670 -39.63 2.18 0.07
CA THR A 670 -40.84 1.39 -0.15
C THR A 670 -40.58 -0.04 -0.60
N TYR A 671 -39.32 -0.41 -0.79
CA TYR A 671 -38.95 -1.75 -1.27
C TYR A 671 -39.63 -1.98 -2.62
N VAL A 672 -39.72 -3.28 -2.98
CA VAL A 672 -40.45 -3.65 -4.23
C VAL A 672 -41.26 -4.91 -3.92
N ASN A 673 -41.47 -5.77 -4.93
CA ASN A 673 -42.28 -7.00 -4.78
C ASN A 673 -41.82 -7.98 -5.85
N PRO A 674 -42.43 -9.18 -6.05
CA PRO A 674 -42.06 -10.04 -7.18
C PRO A 674 -42.06 -9.12 -8.40
N ALA A 675 -40.89 -8.78 -8.92
CA ALA A 675 -40.82 -7.80 -10.04
C ALA A 675 -41.81 -8.21 -11.13
N GLU A 676 -42.75 -7.32 -11.47
CA GLU A 676 -43.79 -7.63 -12.51
C GLU A 676 -43.80 -6.55 -13.59
#